data_5RAU
#
_entry.id   5RAU
#
_cell.length_a   57.680
_cell.length_b   93.800
_cell.length_c   93.220
_cell.angle_alpha   90.000
_cell.angle_beta   107.700
_cell.angle_gamma   90.000
#
_symmetry.space_group_name_H-M   'P 1 21 1'
#
loop_
_entity.id
_entity.type
_entity.pdbx_description
1 polymer 'Lysine-specific demethylase 3B'
2 non-polymer 'ethyl 1-pyrazin-2-ylpiperidine-4-carboxylate'
3 non-polymer 'CHLORIDE ION'
4 non-polymer 'MANGANESE (II) ION'
5 water water
#
_entity_poly.entity_id   1
_entity_poly.type   'polypeptide(L)'
_entity_poly.pdbx_seq_one_letter_code
;MHHHHHHSSGVDLGTENLYFQSMTSHSWLCDGRLLCLHDPSNKNNWKIFRECWKQGQPVLVSGVHKKLKSELWKPEAFSQ
EFGDQDVDLVNCRNCAIISDVKVRDFWDGFEIICKRLRSEDGQPMVLKLKDWPPGEDFRDMMPTRFEDLMENLPLPEYTK
RDGRLNLASRLPSYFVRPDLGPKMYNAYGLITAEDRRVGTTNLHLDVSDAVNVMVYVGIPIGEGAHDEEVLKTIDEGDAD
EVTKERIHDHKEKPGALWHIYAAKDAEKIRELLRKVGEEQGQENPPDHDPIHDQSWYLDQTLRKRLYEEYGVQGWAIVQF
LGDAVFIPAGAPHQVHNLYSCIKVAEDFVSPEHVKHCFRLTQEFRHLSNTHT
;
_entity_poly.pdbx_strand_id   A,B
#
# COMPACT_ATOMS: atom_id res chain seq x y z
N SER A 22 -0.69 -11.63 -49.75
CA SER A 22 0.07 -10.52 -49.10
C SER A 22 -0.05 -10.63 -47.57
N MET A 23 0.03 -11.86 -47.03
CA MET A 23 -0.17 -12.21 -45.60
C MET A 23 -1.68 -12.19 -45.28
N THR A 24 -2.19 -13.23 -44.59
CA THR A 24 -3.60 -13.29 -44.10
C THR A 24 -3.76 -12.37 -42.89
N SER A 25 -4.98 -11.88 -42.64
CA SER A 25 -5.33 -10.98 -41.52
C SER A 25 -4.96 -11.64 -40.18
N HIS A 26 -5.31 -12.91 -39.99
CA HIS A 26 -5.15 -13.63 -38.70
C HIS A 26 -5.13 -15.13 -38.89
N SER A 27 -4.60 -15.82 -37.88
CA SER A 27 -4.71 -17.28 -37.68
C SER A 27 -4.99 -17.58 -36.20
N TRP A 28 -5.11 -18.86 -35.86
CA TRP A 28 -5.49 -19.33 -34.49
C TRP A 28 -4.33 -20.16 -33.92
N LEU A 29 -4.08 -19.98 -32.64
CA LEU A 29 -3.21 -20.89 -31.88
C LEU A 29 -4.05 -21.56 -30.77
N CYS A 30 -3.40 -22.34 -29.90
CA CYS A 30 -4.09 -23.05 -28.79
C CYS A 30 -5.32 -23.80 -29.33
N ASP A 31 -5.15 -24.45 -30.48
CA ASP A 31 -6.21 -25.27 -31.13
C ASP A 31 -7.50 -24.47 -31.34
N GLY A 32 -7.44 -23.18 -31.72
CA GLY A 32 -8.62 -22.33 -31.99
C GLY A 32 -8.98 -21.38 -30.89
N ARG A 33 -8.36 -21.53 -29.70
CA ARG A 33 -8.75 -20.76 -28.49
C ARG A 33 -8.01 -19.39 -28.38
N LEU A 34 -7.00 -19.13 -29.22
CA LEU A 34 -6.17 -17.87 -29.14
C LEU A 34 -6.13 -17.20 -30.52
N LEU A 35 -6.64 -15.97 -30.64
CA LEU A 35 -6.50 -15.10 -31.82
C LEU A 35 -5.03 -14.69 -31.98
N CYS A 36 -4.45 -14.88 -33.17
N CYS A 36 -4.47 -14.85 -33.19
CA CYS A 36 -3.13 -14.31 -33.59
CA CYS A 36 -3.15 -14.32 -33.61
C CYS A 36 -3.29 -13.35 -34.77
C CYS A 36 -3.31 -13.34 -34.79
N LEU A 37 -3.21 -12.04 -34.50
CA LEU A 37 -3.27 -11.00 -35.55
C LEU A 37 -1.90 -10.88 -36.22
N HIS A 38 -1.85 -10.67 -37.55
CA HIS A 38 -0.55 -10.73 -38.30
C HIS A 38 0.03 -9.36 -38.61
N ASP A 39 -0.79 -8.34 -38.74
CA ASP A 39 -0.39 -6.97 -39.16
C ASP A 39 -0.60 -6.05 -37.98
N PRO A 40 0.49 -5.68 -37.24
CA PRO A 40 0.33 -4.87 -36.03
C PRO A 40 -0.36 -3.50 -36.24
N SER A 41 -0.35 -2.89 -37.44
CA SER A 41 -0.83 -1.50 -37.61
C SER A 41 -2.08 -1.48 -38.49
N ASN A 42 -2.69 -2.65 -38.76
CA ASN A 42 -3.91 -2.71 -39.58
C ASN A 42 -5.05 -1.96 -38.89
N LYS A 43 -5.61 -0.94 -39.57
CA LYS A 43 -6.72 -0.09 -39.04
C LYS A 43 -7.99 -0.91 -38.77
N ASN A 44 -8.17 -2.12 -39.32
CA ASN A 44 -9.39 -2.97 -39.09
C ASN A 44 -9.14 -4.07 -38.03
N ASN A 45 -8.00 -4.08 -37.34
CA ASN A 45 -7.73 -5.14 -36.31
C ASN A 45 -8.85 -5.19 -35.25
N TRP A 46 -9.38 -4.04 -34.82
CA TRP A 46 -10.38 -3.96 -33.73
C TRP A 46 -11.60 -4.85 -34.01
N LYS A 47 -12.01 -5.00 -35.28
CA LYS A 47 -13.22 -5.78 -35.65
C LYS A 47 -13.07 -7.26 -35.30
N ILE A 48 -11.86 -7.82 -35.43
CA ILE A 48 -11.54 -9.23 -35.07
C ILE A 48 -11.27 -9.34 -33.54
N PHE A 49 -10.50 -8.38 -33.02
CA PHE A 49 -10.03 -8.30 -31.61
C PHE A 49 -11.17 -8.23 -30.59
N ARG A 50 -12.13 -7.32 -30.86
N ARG A 50 -12.14 -7.32 -30.81
CA ARG A 50 -13.15 -6.88 -29.86
CA ARG A 50 -13.08 -6.95 -29.72
C ARG A 50 -13.99 -8.07 -29.38
C ARG A 50 -13.98 -8.13 -29.35
N GLU A 51 -14.36 -8.98 -30.29
CA GLU A 51 -15.19 -10.18 -29.93
C GLU A 51 -14.42 -11.13 -28.99
N CYS A 52 -13.16 -11.45 -29.31
CA CYS A 52 -12.33 -12.33 -28.45
C CYS A 52 -12.09 -11.66 -27.07
N TRP A 53 -11.81 -10.38 -27.08
CA TRP A 53 -11.46 -9.62 -25.84
C TRP A 53 -12.66 -9.58 -24.90
N LYS A 54 -13.87 -9.41 -25.47
CA LYS A 54 -15.10 -9.30 -24.64
C LYS A 54 -15.33 -10.63 -23.91
N GLN A 55 -14.86 -11.77 -24.44
CA GLN A 55 -15.04 -13.10 -23.81
C GLN A 55 -13.96 -13.36 -22.77
N GLY A 56 -13.07 -12.42 -22.53
CA GLY A 56 -12.04 -12.58 -21.47
C GLY A 56 -10.84 -13.41 -21.94
N GLN A 57 -10.66 -13.54 -23.27
CA GLN A 57 -9.47 -14.26 -23.81
C GLN A 57 -8.25 -13.34 -23.94
N PRO A 58 -7.02 -13.88 -23.76
CA PRO A 58 -5.82 -13.19 -24.24
C PRO A 58 -5.79 -13.19 -25.78
N VAL A 59 -4.91 -12.35 -26.36
CA VAL A 59 -4.75 -12.15 -27.82
C VAL A 59 -3.23 -11.98 -28.08
N LEU A 60 -2.74 -12.54 -29.17
CA LEU A 60 -1.35 -12.38 -29.62
C LEU A 60 -1.33 -11.51 -30.87
N VAL A 61 -0.37 -10.56 -30.97
CA VAL A 61 -0.17 -9.83 -32.25
C VAL A 61 1.31 -9.96 -32.66
N SER A 62 1.58 -10.52 -33.85
CA SER A 62 2.99 -10.76 -34.30
C SER A 62 3.49 -9.58 -35.16
N GLY A 63 4.83 -9.41 -35.25
CA GLY A 63 5.46 -8.51 -36.22
C GLY A 63 5.80 -7.13 -35.72
N VAL A 64 5.69 -6.85 -34.42
CA VAL A 64 5.90 -5.48 -33.87
C VAL A 64 7.40 -5.10 -34.04
N HIS A 65 8.31 -6.07 -34.01
CA HIS A 65 9.79 -5.83 -34.13
C HIS A 65 10.10 -5.12 -35.45
N LYS A 66 9.36 -5.45 -36.51
CA LYS A 66 9.56 -4.87 -37.87
C LYS A 66 9.15 -3.38 -37.89
N LYS A 67 8.40 -2.89 -36.91
CA LYS A 67 7.94 -1.48 -36.82
C LYS A 67 8.93 -0.61 -36.02
N LEU A 68 9.85 -1.22 -35.27
CA LEU A 68 10.71 -0.54 -34.28
C LEU A 68 12.09 -0.24 -34.90
N LYS A 69 12.80 0.70 -34.31
CA LYS A 69 14.24 1.00 -34.59
C LYS A 69 15.11 0.05 -33.76
N SER A 70 15.55 -1.02 -34.39
CA SER A 70 16.20 -2.20 -33.75
C SER A 70 17.48 -1.79 -33.00
N GLU A 71 18.14 -0.70 -33.39
CA GLU A 71 19.39 -0.24 -32.70
C GLU A 71 19.07 0.31 -31.29
N LEU A 72 17.84 0.78 -31.02
CA LEU A 72 17.42 1.30 -29.70
C LEU A 72 17.19 0.18 -28.67
N TRP A 73 17.09 -1.10 -29.06
CA TRP A 73 16.64 -2.20 -28.16
C TRP A 73 17.75 -3.24 -27.98
N LYS A 74 19.04 -2.88 -28.08
CA LYS A 74 20.15 -3.87 -27.96
C LYS A 74 20.71 -3.82 -26.53
N PRO A 75 21.07 -4.97 -25.93
CA PRO A 75 21.69 -4.98 -24.61
C PRO A 75 22.99 -4.14 -24.49
N GLU A 76 23.85 -4.16 -25.51
CA GLU A 76 25.13 -3.39 -25.53
C GLU A 76 24.84 -1.87 -25.44
N ALA A 77 23.78 -1.35 -26.08
CA ALA A 77 23.42 0.09 -25.98
C ALA A 77 22.98 0.45 -24.55
N PHE A 78 22.15 -0.40 -23.91
CA PHE A 78 21.68 -0.12 -22.53
C PHE A 78 22.91 -0.07 -21.59
N SER A 79 23.87 -0.98 -21.78
CA SER A 79 25.09 -1.03 -20.94
C SER A 79 25.93 0.26 -21.11
N GLN A 80 26.12 0.70 -22.35
CA GLN A 80 26.95 1.88 -22.72
C GLN A 80 26.30 3.14 -22.15
N GLU A 81 24.99 3.32 -22.33
CA GLU A 81 24.27 4.58 -21.96
C GLU A 81 23.98 4.64 -20.46
N PHE A 82 23.73 3.51 -19.77
CA PHE A 82 23.13 3.52 -18.40
C PHE A 82 23.97 2.69 -17.41
N GLY A 83 25.12 2.16 -17.84
CA GLY A 83 25.85 1.10 -17.11
C GLY A 83 26.25 1.47 -15.70
N ASP A 84 26.40 2.78 -15.40
CA ASP A 84 26.87 3.28 -14.06
C ASP A 84 25.74 3.40 -13.02
N GLN A 85 24.48 3.15 -13.37
CA GLN A 85 23.38 3.22 -12.39
C GLN A 85 23.42 2.04 -11.43
N ASP A 86 23.03 2.27 -10.18
CA ASP A 86 22.97 1.25 -9.10
C ASP A 86 21.59 0.54 -9.12
N VAL A 87 21.56 -0.79 -8.95
CA VAL A 87 20.30 -1.58 -9.09
C VAL A 87 20.42 -2.79 -8.19
N ASP A 88 19.29 -3.48 -7.99
CA ASP A 88 19.27 -4.81 -7.36
C ASP A 88 18.90 -5.85 -8.42
N LEU A 89 19.42 -7.06 -8.28
CA LEU A 89 19.09 -8.22 -9.16
C LEU A 89 18.42 -9.30 -8.30
N VAL A 90 17.71 -10.22 -8.94
CA VAL A 90 17.23 -11.46 -8.29
C VAL A 90 17.84 -12.70 -8.93
N ASN A 91 18.29 -13.65 -8.12
CA ASN A 91 18.69 -14.99 -8.58
C ASN A 91 17.40 -15.81 -8.79
N CYS A 92 17.03 -16.10 -10.05
CA CYS A 92 15.72 -16.73 -10.37
C CYS A 92 15.63 -18.14 -9.75
N ARG A 93 16.75 -18.85 -9.52
CA ARG A 93 16.76 -20.26 -9.03
C ARG A 93 16.35 -20.32 -7.55
N ASN A 94 16.71 -19.34 -6.71
CA ASN A 94 16.50 -19.41 -5.23
C ASN A 94 15.87 -18.12 -4.67
N CYS A 95 15.49 -17.14 -5.49
CA CYS A 95 14.93 -15.81 -5.07
C CYS A 95 15.88 -14.95 -4.21
N ALA A 96 17.16 -15.27 -4.10
CA ALA A 96 18.14 -14.42 -3.38
C ALA A 96 18.25 -13.06 -4.08
N ILE A 97 18.33 -11.99 -3.29
CA ILE A 97 18.50 -10.61 -3.83
C ILE A 97 20.00 -10.28 -3.90
N ILE A 98 20.45 -9.77 -5.04
CA ILE A 98 21.85 -9.27 -5.18
C ILE A 98 21.74 -7.76 -5.11
N SER A 99 22.15 -7.17 -3.96
CA SER A 99 21.90 -5.73 -3.63
C SER A 99 22.99 -4.81 -4.16
N ASP A 100 22.58 -3.69 -4.72
CA ASP A 100 23.38 -2.46 -4.93
C ASP A 100 24.60 -2.76 -5.83
N VAL A 101 24.36 -3.32 -7.03
CA VAL A 101 25.41 -3.56 -8.04
C VAL A 101 25.18 -2.60 -9.21
N LYS A 102 26.17 -2.45 -10.09
CA LYS A 102 26.06 -1.62 -11.31
C LYS A 102 25.20 -2.35 -12.33
N VAL A 103 24.37 -1.61 -13.03
CA VAL A 103 23.49 -2.22 -14.08
C VAL A 103 24.34 -2.85 -15.20
N ARG A 104 25.57 -2.37 -15.50
CA ARG A 104 26.43 -3.08 -16.49
C ARG A 104 26.74 -4.51 -16.02
N ASP A 105 26.76 -4.81 -14.72
CA ASP A 105 27.10 -6.19 -14.25
C ASP A 105 26.02 -7.16 -14.75
N PHE A 106 24.77 -6.67 -14.89
CA PHE A 106 23.65 -7.43 -15.51
C PHE A 106 23.83 -7.48 -17.03
N TRP A 107 23.87 -6.32 -17.70
CA TRP A 107 23.81 -6.26 -19.20
C TRP A 107 25.02 -6.96 -19.85
N ASP A 108 26.22 -6.88 -19.27
CA ASP A 108 27.43 -7.44 -19.96
C ASP A 108 27.40 -8.98 -19.98
N GLY A 109 26.62 -9.64 -19.09
CA GLY A 109 26.39 -11.09 -19.10
C GLY A 109 25.10 -11.54 -19.82
N PHE A 110 24.38 -10.66 -20.49
CA PHE A 110 23.02 -10.95 -21.06
C PHE A 110 23.12 -12.10 -22.05
N GLU A 111 24.13 -12.06 -22.93
CA GLU A 111 24.33 -13.09 -24.00
C GLU A 111 25.65 -13.85 -23.81
N ILE A 112 26.64 -13.27 -23.14
CA ILE A 112 27.99 -13.91 -23.00
C ILE A 112 28.06 -14.59 -21.65
N ILE A 113 27.96 -15.91 -21.61
CA ILE A 113 27.78 -16.66 -20.33
C ILE A 113 29.02 -16.51 -19.42
N CYS A 114 30.24 -16.48 -20.01
CA CYS A 114 31.57 -16.35 -19.32
C CYS A 114 31.62 -15.02 -18.55
N LYS A 115 30.71 -14.06 -18.77
CA LYS A 115 30.76 -12.75 -18.06
C LYS A 115 29.71 -12.68 -16.92
N ARG A 116 28.89 -13.72 -16.70
CA ARG A 116 27.82 -13.66 -15.67
C ARG A 116 28.34 -13.80 -14.24
N LEU A 117 27.73 -13.08 -13.29
CA LEU A 117 27.96 -13.25 -11.83
C LEU A 117 27.71 -14.72 -11.47
N ARG A 118 28.58 -15.28 -10.63
CA ARG A 118 28.55 -16.74 -10.29
C ARG A 118 28.02 -16.90 -8.87
N SER A 119 27.24 -17.97 -8.66
CA SER A 119 26.79 -18.41 -7.32
C SER A 119 27.96 -19.14 -6.63
N GLU A 120 27.80 -19.46 -5.35
CA GLU A 120 28.85 -20.13 -4.51
C GLU A 120 29.29 -21.46 -5.13
N ASP A 121 28.42 -22.17 -5.85
CA ASP A 121 28.75 -23.46 -6.50
C ASP A 121 29.67 -23.19 -7.71
N GLY A 122 29.88 -21.92 -8.06
CA GLY A 122 30.70 -21.51 -9.22
C GLY A 122 29.98 -21.64 -10.55
N GLN A 123 28.64 -21.78 -10.56
CA GLN A 123 27.86 -21.82 -11.83
C GLN A 123 27.51 -20.39 -12.21
N PRO A 124 27.33 -20.06 -13.50
CA PRO A 124 26.80 -18.73 -13.81
C PRO A 124 25.31 -18.65 -13.38
N MET A 125 24.91 -17.52 -12.79
CA MET A 125 23.52 -17.35 -12.27
C MET A 125 22.56 -16.99 -13.42
N VAL A 126 21.29 -17.37 -13.24
CA VAL A 126 20.15 -16.89 -14.07
C VAL A 126 19.54 -15.72 -13.33
N LEU A 127 19.69 -14.49 -13.85
CA LEU A 127 19.37 -13.27 -13.10
C LEU A 127 18.21 -12.54 -13.78
N LYS A 128 17.45 -11.84 -12.96
CA LYS A 128 16.42 -10.87 -13.35
C LYS A 128 16.83 -9.50 -12.82
N LEU A 129 16.74 -8.46 -13.65
CA LEU A 129 16.98 -7.07 -13.27
C LEU A 129 15.69 -6.48 -12.67
N LYS A 130 15.73 -6.11 -11.39
CA LYS A 130 14.53 -5.66 -10.63
C LYS A 130 14.25 -4.17 -10.88
N ASP A 131 13.00 -3.82 -11.20
CA ASP A 131 12.46 -2.41 -11.16
C ASP A 131 13.42 -1.44 -11.89
N TRP A 132 13.68 -1.67 -13.17
CA TRP A 132 14.61 -0.83 -13.99
C TRP A 132 14.06 -0.66 -15.40
N PRO A 133 13.92 0.60 -15.91
CA PRO A 133 13.98 1.83 -15.10
C PRO A 133 13.00 1.88 -13.94
N PRO A 134 13.35 2.57 -12.83
CA PRO A 134 12.58 2.50 -11.60
C PRO A 134 11.26 3.29 -11.63
N GLY A 135 10.24 2.74 -10.97
CA GLY A 135 8.90 3.36 -10.82
C GLY A 135 8.38 3.79 -12.18
N GLU A 136 8.07 5.08 -12.34
CA GLU A 136 7.46 5.65 -13.59
C GLU A 136 8.50 6.42 -14.39
N ASP A 137 9.80 6.13 -14.24
CA ASP A 137 10.90 6.96 -14.82
C ASP A 137 11.27 6.57 -16.27
N PHE A 138 10.58 5.62 -16.92
CA PHE A 138 10.98 5.16 -18.28
C PHE A 138 11.03 6.36 -19.24
N ARG A 139 9.96 7.17 -19.30
CA ARG A 139 9.81 8.27 -20.27
C ARG A 139 10.92 9.32 -20.08
N ASP A 140 11.21 9.69 -18.84
CA ASP A 140 12.25 10.69 -18.49
C ASP A 140 13.63 10.14 -18.83
N MET A 141 13.92 8.87 -18.49
CA MET A 141 15.28 8.30 -18.66
C MET A 141 15.55 7.99 -20.15
N MET A 142 14.52 7.57 -20.91
CA MET A 142 14.68 7.00 -22.27
C MET A 142 13.63 7.58 -23.23
N PRO A 143 13.68 8.91 -23.54
CA PRO A 143 12.61 9.53 -24.33
C PRO A 143 12.49 9.04 -25.76
N THR A 144 13.58 8.67 -26.42
CA THR A 144 13.57 8.15 -27.80
C THR A 144 12.96 6.72 -27.82
N ARG A 145 13.27 5.88 -26.81
CA ARG A 145 12.67 4.51 -26.67
C ARG A 145 11.17 4.63 -26.44
N PHE A 146 10.79 5.52 -25.53
CA PHE A 146 9.38 5.80 -25.18
C PHE A 146 8.60 6.10 -26.48
N GLU A 147 9.08 7.06 -27.28
CA GLU A 147 8.42 7.44 -28.57
C GLU A 147 8.30 6.24 -29.50
N ASP A 148 9.41 5.49 -29.72
CA ASP A 148 9.47 4.34 -30.66
C ASP A 148 8.43 3.27 -30.26
N LEU A 149 8.31 3.01 -28.97
CA LEU A 149 7.37 1.95 -28.47
C LEU A 149 5.94 2.48 -28.59
N MET A 150 5.63 3.64 -27.98
CA MET A 150 4.23 4.13 -27.87
C MET A 150 3.61 4.37 -29.24
N GLU A 151 4.39 4.78 -30.26
CA GLU A 151 3.90 5.06 -31.64
C GLU A 151 3.65 3.77 -32.43
N ASN A 152 4.10 2.61 -31.95
CA ASN A 152 4.02 1.34 -32.71
C ASN A 152 3.25 0.25 -31.92
N LEU A 153 2.61 0.60 -30.82
CA LEU A 153 1.74 -0.36 -30.10
C LEU A 153 0.55 -0.73 -31.00
N PRO A 154 0.20 -2.03 -31.06
CA PRO A 154 -1.03 -2.46 -31.74
C PRO A 154 -2.29 -2.05 -30.96
N LEU A 155 -3.47 -2.03 -31.64
CA LEU A 155 -4.80 -1.69 -31.04
C LEU A 155 -4.69 -0.34 -30.31
N PRO A 156 -4.22 0.73 -31.00
CA PRO A 156 -3.89 2.00 -30.33
C PRO A 156 -5.08 2.71 -29.67
N GLU A 157 -6.34 2.48 -30.09
CA GLU A 157 -7.49 3.12 -29.38
C GLU A 157 -7.62 2.55 -27.96
N TYR A 158 -7.20 1.29 -27.74
CA TYR A 158 -7.10 0.64 -26.41
C TYR A 158 -5.80 1.01 -25.67
N THR A 159 -4.64 0.99 -26.34
CA THR A 159 -3.32 0.90 -25.68
C THR A 159 -2.60 2.27 -25.50
N LYS A 160 -2.91 3.30 -26.27
CA LYS A 160 -2.28 4.64 -26.11
C LYS A 160 -2.84 5.35 -24.88
N ARG A 161 -2.03 6.18 -24.20
CA ARG A 161 -2.41 6.82 -22.92
C ARG A 161 -3.76 7.54 -23.07
N ASP A 162 -3.97 8.13 -24.24
CA ASP A 162 -5.14 8.98 -24.61
C ASP A 162 -6.02 8.27 -25.66
N GLY A 163 -5.93 6.95 -25.83
CA GLY A 163 -6.83 6.26 -26.78
C GLY A 163 -8.26 6.40 -26.34
N ARG A 164 -9.18 6.43 -27.32
CA ARG A 164 -10.65 6.58 -27.09
C ARG A 164 -11.22 5.43 -26.26
N LEU A 165 -10.68 4.20 -26.35
CA LEU A 165 -11.17 3.04 -25.56
C LEU A 165 -10.24 2.73 -24.39
N ASN A 166 -9.38 3.66 -23.98
CA ASN A 166 -8.59 3.48 -22.73
C ASN A 166 -9.20 4.40 -21.65
N LEU A 167 -9.83 3.84 -20.62
CA LEU A 167 -10.53 4.69 -19.61
C LEU A 167 -9.54 5.13 -18.50
N ALA A 168 -8.24 4.84 -18.60
CA ALA A 168 -7.29 5.09 -17.47
C ALA A 168 -7.33 6.54 -17.02
N SER A 169 -7.38 7.51 -17.95
CA SER A 169 -7.30 8.97 -17.64
C SER A 169 -8.67 9.55 -17.34
N ARG A 170 -9.72 8.75 -17.37
CA ARG A 170 -11.13 9.22 -17.37
C ARG A 170 -11.88 8.69 -16.15
N LEU A 171 -11.24 8.02 -15.20
CA LEU A 171 -12.01 7.34 -14.13
C LEU A 171 -11.82 8.08 -12.79
N PRO A 172 -12.86 8.13 -11.93
CA PRO A 172 -12.68 8.74 -10.61
C PRO A 172 -12.04 7.72 -9.66
N SER A 173 -11.87 8.14 -8.39
CA SER A 173 -11.05 7.43 -7.39
C SER A 173 -11.71 6.15 -6.91
N TYR A 174 -12.96 5.93 -7.24
CA TYR A 174 -13.68 4.66 -7.03
C TYR A 174 -13.05 3.50 -7.83
N PHE A 175 -12.12 3.78 -8.76
CA PHE A 175 -11.38 2.77 -9.59
C PHE A 175 -9.88 2.86 -9.32
N VAL A 176 -9.21 1.71 -9.20
CA VAL A 176 -7.73 1.63 -9.11
C VAL A 176 -7.18 1.93 -10.49
N ARG A 177 -6.40 3.01 -10.61
CA ARG A 177 -5.83 3.48 -11.87
C ARG A 177 -4.41 2.93 -12.01
N PRO A 178 -3.97 2.53 -13.20
CA PRO A 178 -2.60 2.05 -13.38
C PRO A 178 -1.57 3.18 -13.28
N ASP A 179 -0.32 2.86 -12.93
CA ASP A 179 0.81 3.83 -12.90
C ASP A 179 1.02 4.28 -14.35
N LEU A 180 1.75 5.40 -14.53
CA LEU A 180 2.28 5.84 -15.84
C LEU A 180 3.40 4.88 -16.28
N GLY A 181 3.28 4.35 -17.49
CA GLY A 181 4.18 3.30 -18.00
C GLY A 181 5.02 3.92 -19.10
N PRO A 182 5.66 3.12 -19.95
CA PRO A 182 5.69 1.67 -19.81
C PRO A 182 6.72 1.20 -18.76
N LYS A 183 6.79 -0.11 -18.59
CA LYS A 183 7.71 -0.80 -17.64
C LYS A 183 8.53 -1.82 -18.44
N MET A 184 9.81 -1.92 -18.13
CA MET A 184 10.73 -2.82 -18.85
C MET A 184 10.97 -4.03 -17.98
N TYR A 185 11.02 -5.23 -18.59
CA TYR A 185 11.19 -6.54 -17.91
C TYR A 185 12.38 -7.26 -18.56
N ASN A 186 13.51 -7.36 -17.83
CA ASN A 186 14.82 -7.84 -18.36
C ASN A 186 15.29 -9.02 -17.51
N ALA A 187 15.58 -10.16 -18.13
CA ALA A 187 16.02 -11.37 -17.40
C ALA A 187 16.70 -12.35 -18.35
N TYR A 188 17.64 -13.13 -17.79
CA TYR A 188 18.35 -14.19 -18.54
C TYR A 188 17.34 -15.34 -18.83
N GLY A 189 17.71 -16.26 -19.72
CA GLY A 189 16.94 -17.50 -19.95
C GLY A 189 17.25 -18.57 -18.92
N LEU A 190 16.24 -19.35 -18.58
CA LEU A 190 16.40 -20.55 -17.72
C LEU A 190 17.01 -21.66 -18.59
N ILE A 191 17.85 -22.50 -18.01
CA ILE A 191 18.86 -23.30 -18.76
C ILE A 191 18.65 -24.81 -18.56
N THR A 192 18.61 -25.29 -17.33
CA THR A 192 18.72 -26.72 -17.00
C THR A 192 17.36 -27.40 -16.88
N ALA A 193 17.38 -28.74 -16.79
CA ALA A 193 16.21 -29.59 -16.50
C ALA A 193 15.58 -29.16 -15.17
N GLU A 194 16.38 -28.92 -14.12
CA GLU A 194 15.86 -28.42 -12.81
C GLU A 194 15.20 -27.04 -13.02
N ASP A 195 15.75 -26.20 -13.88
CA ASP A 195 15.20 -24.84 -14.12
C ASP A 195 13.76 -24.93 -14.71
N ARG A 196 13.32 -26.07 -15.23
CA ARG A 196 12.01 -26.19 -15.94
C ARG A 196 10.86 -25.86 -14.96
N ARG A 197 11.08 -26.06 -13.67
CA ARG A 197 10.06 -25.88 -12.59
C ARG A 197 10.09 -24.46 -12.00
N VAL A 198 10.92 -23.54 -12.50
CA VAL A 198 11.16 -22.19 -11.91
C VAL A 198 10.47 -21.17 -12.82
N GLY A 199 9.95 -20.07 -12.27
CA GLY A 199 9.44 -18.95 -13.08
C GLY A 199 10.45 -17.82 -13.18
N THR A 200 10.38 -17.08 -14.28
CA THR A 200 11.01 -15.74 -14.38
C THR A 200 10.14 -14.76 -13.58
N THR A 201 8.83 -14.78 -13.83
CA THR A 201 7.78 -14.06 -13.08
C THR A 201 6.76 -15.07 -12.60
N ASN A 202 6.60 -15.20 -11.29
CA ASN A 202 5.66 -16.15 -10.65
C ASN A 202 4.19 -15.78 -10.95
N LEU A 203 3.31 -16.75 -10.72
CA LEU A 203 1.84 -16.58 -10.93
C LEU A 203 1.29 -15.39 -10.11
N HIS A 204 0.63 -14.45 -10.79
CA HIS A 204 0.03 -13.22 -10.20
C HIS A 204 -1.09 -12.72 -11.07
N LEU A 205 -1.84 -11.69 -10.62
CA LEU A 205 -2.79 -11.03 -11.54
C LEU A 205 -2.69 -9.51 -11.35
N ASP A 206 -3.19 -8.77 -12.34
CA ASP A 206 -3.21 -7.28 -12.44
C ASP A 206 -4.64 -6.80 -12.59
N VAL A 207 -5.05 -5.74 -11.86
CA VAL A 207 -6.45 -5.22 -11.93
C VAL A 207 -6.69 -4.41 -13.20
N SER A 208 -5.62 -4.06 -13.94
N SER A 208 -5.62 -4.05 -13.93
CA SER A 208 -5.69 -3.37 -15.26
CA SER A 208 -5.66 -3.38 -15.25
C SER A 208 -5.31 -4.34 -16.39
C SER A 208 -5.41 -4.40 -16.37
N ASP A 209 -5.76 -4.04 -17.61
CA ASP A 209 -5.34 -4.77 -18.81
C ASP A 209 -3.85 -4.43 -19.06
N ALA A 210 -3.13 -5.27 -19.80
CA ALA A 210 -1.73 -5.01 -20.21
C ALA A 210 -1.45 -5.51 -21.62
N VAL A 211 -0.57 -4.79 -22.34
CA VAL A 211 0.11 -5.31 -23.58
C VAL A 211 1.61 -5.44 -23.32
N ASN A 212 2.18 -6.61 -23.56
CA ASN A 212 3.60 -6.94 -23.31
C ASN A 212 4.24 -7.27 -24.67
N VAL A 213 5.27 -6.50 -25.05
CA VAL A 213 5.97 -6.62 -26.36
C VAL A 213 7.39 -7.17 -26.15
N MET A 214 7.74 -8.22 -26.88
CA MET A 214 9.12 -8.81 -26.90
C MET A 214 9.98 -8.03 -27.92
N VAL A 215 10.89 -7.19 -27.44
CA VAL A 215 11.61 -6.20 -28.32
C VAL A 215 13.00 -6.76 -28.59
N TYR A 216 13.46 -7.77 -27.85
CA TYR A 216 14.81 -8.36 -28.12
C TYR A 216 14.88 -9.74 -27.49
N VAL A 217 15.44 -10.72 -28.20
CA VAL A 217 15.76 -12.07 -27.68
C VAL A 217 17.27 -12.34 -27.95
N GLY A 218 18.00 -12.67 -26.89
CA GLY A 218 19.43 -12.95 -26.97
C GLY A 218 19.67 -14.42 -26.76
N ILE A 219 20.20 -15.08 -27.78
CA ILE A 219 20.54 -16.53 -27.69
C ILE A 219 22.03 -16.63 -27.42
N PRO A 220 22.47 -17.09 -26.22
CA PRO A 220 23.88 -17.02 -25.83
C PRO A 220 24.84 -17.85 -26.68
N ILE A 221 26.11 -17.75 -26.24
CA ILE A 221 27.38 -18.36 -26.74
C ILE A 221 28.27 -18.60 -25.51
N GLY A 222 29.02 -19.71 -25.51
CA GLY A 222 29.87 -20.19 -24.40
C GLY A 222 29.37 -21.51 -23.87
N GLU A 223 28.12 -21.55 -23.41
CA GLU A 223 27.28 -22.76 -23.28
C GLU A 223 26.18 -22.64 -24.36
N GLY A 224 26.58 -22.24 -25.56
CA GLY A 224 25.75 -22.22 -26.79
C GLY A 224 25.84 -23.56 -27.51
N ALA A 225 24.68 -24.13 -27.86
CA ALA A 225 24.41 -25.56 -28.18
C ALA A 225 23.34 -26.11 -27.22
N HIS A 226 22.48 -25.21 -26.69
CA HIS A 226 21.53 -25.42 -25.56
C HIS A 226 20.10 -25.58 -26.12
N ASP A 227 20.02 -25.86 -27.43
CA ASP A 227 18.78 -25.89 -28.27
C ASP A 227 17.77 -26.91 -27.71
N GLU A 228 18.22 -28.02 -27.12
CA GLU A 228 17.36 -29.23 -26.95
C GLU A 228 16.55 -29.16 -25.65
N GLU A 229 17.09 -28.63 -24.54
CA GLU A 229 16.29 -28.42 -23.29
C GLU A 229 15.15 -27.41 -23.58
N VAL A 230 15.38 -26.40 -24.44
CA VAL A 230 14.33 -25.43 -24.90
C VAL A 230 13.16 -26.19 -25.55
N LEU A 231 13.41 -27.19 -26.40
CA LEU A 231 12.33 -27.96 -27.10
C LEU A 231 11.50 -28.79 -26.10
N LYS A 232 12.17 -29.44 -25.15
N LYS A 232 12.18 -29.46 -25.16
CA LYS A 232 11.52 -30.25 -24.08
CA LYS A 232 11.53 -30.25 -24.08
C LYS A 232 10.66 -29.33 -23.19
C LYS A 232 10.66 -29.33 -23.20
N THR A 233 11.12 -28.10 -22.94
CA THR A 233 10.38 -27.13 -22.07
C THR A 233 9.05 -26.69 -22.73
N ILE A 234 9.09 -26.42 -24.02
CA ILE A 234 7.91 -26.00 -24.84
C ILE A 234 6.92 -27.18 -24.92
N ASP A 235 7.44 -28.37 -25.18
CA ASP A 235 6.59 -29.58 -25.33
C ASP A 235 5.87 -29.93 -24.00
N GLU A 236 6.65 -30.06 -22.91
CA GLU A 236 6.13 -30.31 -21.53
C GLU A 236 5.28 -29.12 -21.03
N GLY A 237 5.54 -27.92 -21.54
CA GLY A 237 4.74 -26.71 -21.26
C GLY A 237 3.35 -26.74 -21.89
N ASP A 238 3.04 -27.73 -22.78
CA ASP A 238 1.68 -27.99 -23.34
C ASP A 238 1.45 -27.12 -24.59
N ALA A 239 2.51 -26.64 -25.26
CA ALA A 239 2.41 -25.77 -26.45
C ALA A 239 1.77 -26.56 -27.61
N ASP A 240 0.93 -25.92 -28.42
CA ASP A 240 0.18 -26.57 -29.53
C ASP A 240 1.11 -26.86 -30.70
N GLU A 241 0.62 -27.66 -31.66
CA GLU A 241 1.46 -28.15 -32.81
C GLU A 241 1.79 -26.98 -33.75
N VAL A 242 0.87 -26.03 -33.95
CA VAL A 242 1.14 -24.86 -34.84
C VAL A 242 2.29 -24.00 -34.25
N THR A 243 2.28 -23.75 -32.94
CA THR A 243 3.37 -23.05 -32.19
C THR A 243 4.69 -23.79 -32.42
N LYS A 244 4.68 -25.12 -32.38
CA LYS A 244 5.95 -25.88 -32.58
C LYS A 244 6.49 -25.67 -34.00
N GLU A 245 5.60 -25.50 -34.98
CA GLU A 245 5.99 -25.24 -36.39
C GLU A 245 6.67 -23.87 -36.56
N ARG A 246 6.46 -22.83 -35.70
CA ARG A 246 7.09 -21.48 -35.88
C ARG A 246 8.64 -21.57 -35.74
N ILE A 247 9.13 -22.50 -34.92
CA ILE A 247 10.58 -22.81 -34.74
C ILE A 247 11.11 -23.56 -35.99
N HIS A 248 10.58 -24.77 -36.19
CA HIS A 248 11.11 -25.79 -37.14
C HIS A 248 10.98 -25.29 -38.58
N ASP A 249 9.92 -24.52 -38.90
CA ASP A 249 9.53 -24.18 -40.30
C ASP A 249 9.98 -22.74 -40.67
N HIS A 250 9.88 -21.75 -39.76
CA HIS A 250 10.11 -20.30 -40.06
C HIS A 250 11.36 -19.76 -39.35
N LYS A 251 12.00 -20.55 -38.47
CA LYS A 251 13.20 -20.21 -37.67
C LYS A 251 13.07 -18.83 -36.98
N GLU A 252 11.90 -18.52 -36.39
CA GLU A 252 11.72 -17.33 -35.51
C GLU A 252 12.40 -17.60 -34.16
N LYS A 253 12.78 -16.54 -33.42
CA LYS A 253 13.47 -16.64 -32.10
C LYS A 253 12.44 -16.68 -30.98
N PRO A 254 12.27 -17.80 -30.23
CA PRO A 254 11.33 -17.89 -29.12
C PRO A 254 11.94 -17.24 -27.87
N GLY A 255 11.21 -16.35 -27.22
CA GLY A 255 11.70 -15.66 -26.01
C GLY A 255 11.24 -16.34 -24.73
N ALA A 256 9.90 -16.53 -24.55
CA ALA A 256 9.35 -16.83 -23.23
C ALA A 256 8.07 -17.70 -23.36
N LEU A 257 7.93 -18.62 -22.45
CA LEU A 257 6.71 -19.48 -22.30
C LEU A 257 5.81 -18.88 -21.22
N TRP A 258 4.57 -18.54 -21.57
CA TRP A 258 3.54 -17.99 -20.66
C TRP A 258 2.47 -19.06 -20.39
N HIS A 259 1.91 -19.11 -19.20
CA HIS A 259 0.58 -19.72 -18.94
C HIS A 259 -0.34 -18.62 -18.45
N ILE A 260 -1.50 -18.48 -19.12
CA ILE A 260 -2.52 -17.48 -18.68
C ILE A 260 -3.82 -18.27 -18.40
N TYR A 261 -4.55 -17.85 -17.36
CA TYR A 261 -5.85 -18.44 -16.94
C TYR A 261 -6.93 -17.36 -16.99
N ALA A 262 -8.18 -17.74 -17.33
CA ALA A 262 -9.34 -16.81 -17.30
C ALA A 262 -9.55 -16.20 -15.91
N ALA A 263 -9.89 -14.91 -15.83
CA ALA A 263 -10.22 -14.21 -14.57
C ALA A 263 -11.27 -15.01 -13.78
N LYS A 264 -12.19 -15.69 -14.48
CA LYS A 264 -13.30 -16.40 -13.78
C LYS A 264 -12.76 -17.62 -13.03
N ASP A 265 -11.55 -18.11 -13.34
CA ASP A 265 -10.96 -19.31 -12.69
C ASP A 265 -10.00 -18.97 -11.54
N ALA A 266 -9.80 -17.69 -11.20
CA ALA A 266 -8.83 -17.25 -10.16
C ALA A 266 -9.09 -17.90 -8.79
N GLU A 267 -10.36 -18.00 -8.34
CA GLU A 267 -10.65 -18.61 -7.00
C GLU A 267 -10.33 -20.11 -7.02
N LYS A 268 -10.65 -20.86 -8.08
CA LYS A 268 -10.30 -22.30 -8.15
C LYS A 268 -8.79 -22.46 -8.08
N ILE A 269 -8.02 -21.57 -8.70
CA ILE A 269 -6.54 -21.65 -8.59
C ILE A 269 -6.15 -21.39 -7.13
N ARG A 270 -6.75 -20.41 -6.47
CA ARG A 270 -6.43 -20.17 -5.04
C ARG A 270 -6.70 -21.43 -4.20
N GLU A 271 -7.80 -22.16 -4.43
CA GLU A 271 -8.13 -23.38 -3.66
C GLU A 271 -7.03 -24.43 -3.87
N LEU A 272 -6.60 -24.67 -5.11
CA LEU A 272 -5.50 -25.63 -5.41
C LEU A 272 -4.26 -25.23 -4.61
N LEU A 273 -3.87 -23.95 -4.64
CA LEU A 273 -2.59 -23.54 -4.03
C LEU A 273 -2.69 -23.56 -2.49
N ARG A 274 -3.87 -23.32 -1.92
CA ARG A 274 -4.06 -23.51 -0.44
C ARG A 274 -3.86 -24.98 -0.05
N LYS A 275 -4.43 -25.91 -0.80
CA LYS A 275 -4.30 -27.36 -0.57
C LYS A 275 -2.82 -27.77 -0.70
N VAL A 276 -2.16 -27.36 -1.78
CA VAL A 276 -0.72 -27.72 -1.94
C VAL A 276 0.15 -27.09 -0.83
N GLY A 277 -0.04 -25.81 -0.48
CA GLY A 277 0.67 -25.16 0.64
C GLY A 277 0.57 -25.99 1.91
N GLU A 278 -0.62 -26.53 2.20
CA GLU A 278 -0.90 -27.36 3.39
C GLU A 278 -0.17 -28.71 3.23
N GLU A 279 -0.26 -29.37 2.07
CA GLU A 279 0.45 -30.65 1.83
C GLU A 279 1.96 -30.47 2.07
N GLN A 280 2.53 -29.30 1.76
CA GLN A 280 3.98 -29.02 1.90
C GLN A 280 4.28 -28.44 3.30
N GLY A 281 3.32 -28.49 4.21
CA GLY A 281 3.53 -28.07 5.61
C GLY A 281 3.75 -26.58 5.74
N GLN A 282 3.31 -25.74 4.79
CA GLN A 282 3.14 -24.28 5.06
C GLN A 282 2.01 -24.14 6.10
N GLU A 283 2.02 -23.07 6.89
CA GLU A 283 0.98 -22.84 7.93
C GLU A 283 0.33 -21.49 7.62
N ASN A 284 -0.80 -21.54 6.91
CA ASN A 284 -1.46 -20.36 6.29
C ASN A 284 -2.90 -20.31 6.77
N PRO A 285 -3.45 -19.13 7.12
CA PRO A 285 -4.88 -19.00 7.42
C PRO A 285 -5.74 -19.36 6.21
N PRO A 286 -6.99 -19.86 6.42
CA PRO A 286 -7.78 -20.47 5.35
C PRO A 286 -8.18 -19.51 4.21
N ASP A 287 -8.01 -18.21 4.45
CA ASP A 287 -8.48 -17.09 3.59
C ASP A 287 -7.29 -16.44 2.85
N HIS A 288 -6.04 -16.81 3.16
CA HIS A 288 -4.84 -16.12 2.61
C HIS A 288 -4.81 -16.29 1.08
N ASP A 289 -4.17 -15.36 0.39
CA ASP A 289 -4.29 -15.25 -1.10
C ASP A 289 -2.96 -15.65 -1.74
N PRO A 290 -2.79 -16.91 -2.18
CA PRO A 290 -1.54 -17.37 -2.81
C PRO A 290 -1.23 -16.75 -4.17
N ILE A 291 -2.23 -16.22 -4.89
CA ILE A 291 -1.98 -15.50 -6.17
C ILE A 291 -1.37 -14.12 -5.83
N HIS A 292 -1.95 -13.35 -4.89
CA HIS A 292 -1.40 -12.03 -4.49
C HIS A 292 0.02 -12.17 -3.92
N ASP A 293 0.34 -13.25 -3.22
CA ASP A 293 1.69 -13.51 -2.65
C ASP A 293 2.78 -13.65 -3.72
N GLN A 294 2.43 -14.05 -4.95
CA GLN A 294 3.37 -14.08 -6.11
C GLN A 294 4.52 -15.03 -5.77
N SER A 295 4.21 -16.12 -5.10
CA SER A 295 5.22 -17.05 -4.55
C SER A 295 5.20 -18.39 -5.30
N TRP A 296 4.22 -18.65 -6.18
CA TRP A 296 4.05 -19.97 -6.86
C TRP A 296 4.37 -19.90 -8.37
N TYR A 297 5.03 -20.93 -8.90
CA TYR A 297 5.11 -21.21 -10.36
C TYR A 297 4.44 -22.57 -10.60
N LEU A 298 3.44 -22.61 -11.47
CA LEU A 298 2.71 -23.88 -11.80
C LEU A 298 3.55 -24.69 -12.78
N ASP A 299 4.24 -25.73 -12.29
CA ASP A 299 5.03 -26.67 -13.11
C ASP A 299 4.10 -27.70 -13.78
N GLN A 300 4.65 -28.63 -14.57
CA GLN A 300 3.82 -29.61 -15.28
C GLN A 300 2.88 -30.37 -14.31
N THR A 301 3.37 -30.77 -13.14
CA THR A 301 2.59 -31.53 -12.12
C THR A 301 1.39 -30.68 -11.66
N LEU A 302 1.65 -29.42 -11.34
CA LEU A 302 0.58 -28.54 -10.79
C LEU A 302 -0.42 -28.18 -11.90
N ARG A 303 0.02 -27.99 -13.14
CA ARG A 303 -0.93 -27.65 -14.24
C ARG A 303 -1.85 -28.83 -14.48
N LYS A 304 -1.31 -30.06 -14.42
CA LYS A 304 -2.14 -31.27 -14.64
C LYS A 304 -3.20 -31.42 -13.51
N ARG A 305 -2.80 -31.20 -12.26
CA ARG A 305 -3.66 -31.25 -11.08
C ARG A 305 -4.76 -30.19 -11.19
N LEU A 306 -4.45 -29.01 -11.70
CA LEU A 306 -5.45 -27.93 -11.87
C LEU A 306 -6.52 -28.40 -12.85
N TYR A 307 -6.10 -28.97 -13.99
CA TYR A 307 -7.02 -29.50 -15.02
C TYR A 307 -7.86 -30.67 -14.42
N GLU A 308 -7.19 -31.67 -13.83
CA GLU A 308 -7.83 -32.96 -13.45
C GLU A 308 -8.76 -32.76 -12.22
N GLU A 309 -8.30 -32.05 -11.19
CA GLU A 309 -8.95 -31.96 -9.85
C GLU A 309 -9.92 -30.76 -9.79
N TYR A 310 -9.74 -29.73 -10.63
CA TYR A 310 -10.55 -28.49 -10.57
C TYR A 310 -11.22 -28.18 -11.92
N GLY A 311 -10.94 -28.88 -13.01
CA GLY A 311 -11.64 -28.60 -14.27
C GLY A 311 -11.18 -27.32 -14.98
N VAL A 312 -9.97 -26.83 -14.69
CA VAL A 312 -9.48 -25.52 -15.20
C VAL A 312 -8.42 -25.73 -16.29
N GLN A 313 -8.69 -25.18 -17.45
CA GLN A 313 -7.76 -25.18 -18.62
C GLN A 313 -7.21 -23.76 -18.80
N GLY A 314 -5.95 -23.64 -19.14
CA GLY A 314 -5.36 -22.32 -19.48
C GLY A 314 -4.91 -22.24 -20.92
N TRP A 315 -4.15 -21.20 -21.23
CA TRP A 315 -3.56 -20.95 -22.55
C TRP A 315 -2.03 -20.99 -22.35
N ALA A 316 -1.34 -21.89 -23.03
CA ALA A 316 0.13 -21.98 -23.09
C ALA A 316 0.62 -21.23 -24.32
N ILE A 317 1.34 -20.14 -24.14
CA ILE A 317 1.68 -19.16 -25.22
C ILE A 317 3.22 -19.02 -25.29
N VAL A 318 3.80 -19.27 -26.47
CA VAL A 318 5.24 -18.94 -26.69
C VAL A 318 5.31 -17.56 -27.34
N GLN A 319 5.93 -16.61 -26.65
CA GLN A 319 6.10 -15.20 -27.14
C GLN A 319 7.46 -15.15 -27.87
N PHE A 320 7.42 -15.04 -29.20
CA PHE A 320 8.60 -14.90 -30.09
C PHE A 320 9.02 -13.42 -30.16
N LEU A 321 10.23 -13.14 -30.66
CA LEU A 321 10.64 -11.75 -30.96
C LEU A 321 9.53 -11.02 -31.74
N GLY A 322 9.14 -9.86 -31.28
CA GLY A 322 8.13 -9.00 -31.91
C GLY A 322 6.68 -9.37 -31.60
N ASP A 323 6.43 -10.42 -30.85
CA ASP A 323 5.05 -10.74 -30.39
C ASP A 323 4.60 -9.80 -29.25
N ALA A 324 3.39 -9.27 -29.35
CA ALA A 324 2.67 -8.49 -28.31
C ALA A 324 1.60 -9.39 -27.68
N VAL A 325 1.74 -9.73 -26.40
CA VAL A 325 0.71 -10.52 -25.65
C VAL A 325 -0.24 -9.53 -24.95
N PHE A 326 -1.55 -9.65 -25.17
CA PHE A 326 -2.61 -8.88 -24.48
C PHE A 326 -3.10 -9.75 -23.32
N ILE A 327 -2.95 -9.25 -22.07
CA ILE A 327 -3.37 -9.99 -20.85
C ILE A 327 -4.60 -9.29 -20.27
N PRO A 328 -5.77 -9.96 -20.21
CA PRO A 328 -6.97 -9.35 -19.65
C PRO A 328 -6.87 -9.09 -18.13
N ALA A 329 -7.42 -7.94 -17.68
CA ALA A 329 -7.55 -7.60 -16.25
C ALA A 329 -8.12 -8.79 -15.48
N GLY A 330 -7.51 -9.13 -14.32
CA GLY A 330 -8.01 -10.22 -13.46
C GLY A 330 -7.45 -11.60 -13.83
N ALA A 331 -6.80 -11.76 -14.98
CA ALA A 331 -6.37 -13.09 -15.47
C ALA A 331 -5.06 -13.50 -14.81
N PRO A 332 -5.03 -14.59 -13.98
CA PRO A 332 -3.78 -15.07 -13.42
C PRO A 332 -2.80 -15.49 -14.52
N HIS A 333 -1.51 -15.12 -14.37
CA HIS A 333 -0.49 -15.45 -15.42
C HIS A 333 0.94 -15.53 -14.84
N GLN A 334 1.75 -16.37 -15.49
CA GLN A 334 3.16 -16.64 -15.14
C GLN A 334 4.01 -16.67 -16.43
N VAL A 335 5.31 -16.39 -16.29
CA VAL A 335 6.28 -16.20 -17.42
C VAL A 335 7.57 -16.98 -17.11
N HIS A 336 8.05 -17.77 -18.09
CA HIS A 336 9.27 -18.60 -17.98
C HIS A 336 10.16 -18.28 -19.20
N ASN A 337 11.26 -17.55 -19.02
CA ASN A 337 12.14 -17.16 -20.16
C ASN A 337 12.89 -18.40 -20.66
N LEU A 338 12.83 -18.61 -21.97
CA LEU A 338 13.53 -19.72 -22.66
C LEU A 338 14.94 -19.25 -22.99
N TYR A 339 15.06 -18.01 -23.45
CA TYR A 339 16.37 -17.32 -23.72
C TYR A 339 16.36 -15.97 -23.00
N SER A 340 17.46 -15.20 -23.07
CA SER A 340 17.51 -13.84 -22.46
C SER A 340 16.54 -12.90 -23.17
N CYS A 341 15.67 -12.21 -22.41
CA CYS A 341 14.60 -11.39 -22.99
C CYS A 341 14.62 -9.95 -22.51
N ILE A 342 14.28 -9.03 -23.42
CA ILE A 342 13.86 -7.64 -23.11
C ILE A 342 12.39 -7.52 -23.52
N LYS A 343 11.52 -7.24 -22.57
CA LYS A 343 10.07 -7.06 -22.77
C LYS A 343 9.72 -5.64 -22.31
N VAL A 344 8.82 -4.97 -23.00
CA VAL A 344 8.28 -3.67 -22.54
C VAL A 344 6.75 -3.75 -22.53
N ALA A 345 6.13 -3.35 -21.43
CA ALA A 345 4.67 -3.51 -21.22
C ALA A 345 4.04 -2.15 -20.93
N GLU A 346 2.79 -1.97 -21.35
CA GLU A 346 1.97 -0.78 -21.03
C GLU A 346 0.64 -1.27 -20.40
N ASP A 347 0.22 -0.68 -19.30
CA ASP A 347 -1.12 -0.96 -18.73
C ASP A 347 -2.19 -0.06 -19.38
N PHE A 348 -3.45 -0.51 -19.40
CA PHE A 348 -4.59 0.30 -19.95
C PHE A 348 -5.86 -0.23 -19.27
N VAL A 349 -6.98 0.49 -19.43
CA VAL A 349 -8.28 0.10 -18.83
C VAL A 349 -9.33 0.09 -19.95
N SER A 350 -9.57 -1.08 -20.52
CA SER A 350 -10.62 -1.27 -21.54
C SER A 350 -12.00 -1.22 -20.88
N PRO A 351 -13.03 -0.73 -21.60
CA PRO A 351 -14.39 -0.76 -21.07
C PRO A 351 -14.90 -2.18 -20.83
N GLU A 352 -14.43 -3.17 -21.61
CA GLU A 352 -14.83 -4.60 -21.49
C GLU A 352 -14.47 -5.12 -20.10
N HIS A 353 -13.42 -4.60 -19.44
CA HIS A 353 -12.88 -5.24 -18.20
C HIS A 353 -12.79 -4.25 -17.02
N VAL A 354 -13.40 -3.08 -17.13
CA VAL A 354 -13.34 -2.04 -16.07
C VAL A 354 -13.85 -2.58 -14.73
N LYS A 355 -14.81 -3.52 -14.69
CA LYS A 355 -15.31 -4.07 -13.39
C LYS A 355 -14.15 -4.58 -12.53
N HIS A 356 -13.02 -5.03 -13.10
CA HIS A 356 -11.94 -5.67 -12.31
C HIS A 356 -11.19 -4.65 -11.44
N CYS A 357 -11.29 -3.33 -11.69
CA CYS A 357 -10.56 -2.31 -10.89
C CYS A 357 -11.52 -1.46 -10.02
N PHE A 358 -12.82 -1.78 -9.97
CA PHE A 358 -13.80 -1.01 -9.15
C PHE A 358 -13.58 -1.35 -7.65
N ARG A 359 -13.62 -0.35 -6.77
CA ARG A 359 -13.27 -0.54 -5.33
C ARG A 359 -14.47 -0.96 -4.47
N LEU A 360 -15.68 -1.13 -5.02
CA LEU A 360 -16.86 -1.59 -4.22
C LEU A 360 -17.42 -2.91 -4.74
N THR A 361 -18.36 -3.48 -3.99
CA THR A 361 -19.08 -4.78 -4.18
C THR A 361 -18.08 -5.85 -4.61
N MET B 23 -11.55 14.92 48.49
CA MET B 23 -12.68 13.98 48.22
C MET B 23 -13.02 13.97 46.71
N THR B 24 -12.33 14.75 45.87
CA THR B 24 -12.51 14.70 44.40
C THR B 24 -12.32 13.24 43.95
N SER B 25 -13.31 12.67 43.27
CA SER B 25 -13.27 11.29 42.72
C SER B 25 -12.13 11.17 41.72
N HIS B 26 -11.17 10.29 42.00
CA HIS B 26 -9.99 10.05 41.15
C HIS B 26 -9.36 8.69 41.43
N SER B 27 -8.50 8.25 40.52
CA SER B 27 -7.62 7.05 40.64
C SER B 27 -6.34 7.28 39.84
N TRP B 28 -5.38 6.37 39.96
CA TRP B 28 -4.05 6.48 39.31
C TRP B 28 -3.89 5.23 38.42
N LEU B 29 -3.64 5.41 37.12
CA LEU B 29 -3.39 4.28 36.18
C LEU B 29 -1.94 4.34 35.72
N CYS B 30 -1.54 3.50 34.75
CA CYS B 30 -0.13 3.41 34.29
C CYS B 30 0.76 3.23 35.53
N ASP B 31 0.40 2.29 36.42
CA ASP B 31 1.18 1.91 37.64
C ASP B 31 1.47 3.16 38.49
N GLY B 32 0.45 3.97 38.81
CA GLY B 32 0.56 5.19 39.65
C GLY B 32 0.92 6.50 38.93
N ARG B 33 1.28 6.50 37.64
CA ARG B 33 1.87 7.68 36.96
C ARG B 33 0.83 8.49 36.14
N LEU B 34 -0.44 8.05 36.06
CA LEU B 34 -1.50 8.79 35.28
C LEU B 34 -2.71 9.12 36.16
N LEU B 35 -2.96 10.44 36.39
CA LEU B 35 -4.17 10.89 37.08
C LEU B 35 -5.39 10.60 36.19
N CYS B 36 -6.43 10.00 36.76
CA CYS B 36 -7.73 9.79 36.09
C CYS B 36 -8.78 10.43 36.97
N LEU B 37 -9.39 11.54 36.57
CA LEU B 37 -10.52 12.19 37.29
C LEU B 37 -11.85 11.65 36.75
N HIS B 38 -12.79 11.31 37.63
CA HIS B 38 -14.00 10.52 37.24
C HIS B 38 -15.28 11.36 37.22
N ASP B 39 -15.29 12.58 37.74
CA ASP B 39 -16.48 13.46 37.59
C ASP B 39 -16.13 14.67 36.74
N PRO B 40 -16.58 14.69 35.45
CA PRO B 40 -16.16 15.75 34.52
C PRO B 40 -16.57 17.17 34.90
N SER B 41 -17.63 17.33 35.70
CA SER B 41 -18.20 18.65 36.09
C SER B 41 -17.81 19.04 37.55
N ASN B 42 -16.93 18.31 38.23
CA ASN B 42 -16.54 18.71 39.61
C ASN B 42 -15.66 19.97 39.56
N LYS B 43 -16.09 21.04 40.23
CA LYS B 43 -15.43 22.37 40.22
C LYS B 43 -14.05 22.31 40.91
N ASN B 44 -13.75 21.27 41.69
CA ASN B 44 -12.45 21.07 42.39
C ASN B 44 -11.45 20.24 41.55
N ASN B 45 -11.75 19.86 40.31
CA ASN B 45 -10.85 18.99 39.48
C ASN B 45 -9.46 19.62 39.38
N TRP B 46 -9.36 20.95 39.32
CA TRP B 46 -8.09 21.68 39.12
C TRP B 46 -7.07 21.33 40.23
N LYS B 47 -7.51 21.01 41.44
CA LYS B 47 -6.62 20.91 42.64
C LYS B 47 -5.53 19.86 42.44
N ILE B 48 -5.91 18.64 42.03
CA ILE B 48 -4.92 17.53 41.84
C ILE B 48 -4.31 17.59 40.42
N PHE B 49 -5.09 18.07 39.45
CA PHE B 49 -4.60 18.32 38.07
C PHE B 49 -3.34 19.19 38.03
N ARG B 50 -3.31 20.29 38.78
CA ARG B 50 -2.24 21.34 38.75
C ARG B 50 -0.82 20.74 38.80
N GLU B 51 -0.50 19.91 39.81
CA GLU B 51 0.89 19.42 39.98
C GLU B 51 1.23 18.42 38.86
N CYS B 52 0.31 17.53 38.46
CA CYS B 52 0.56 16.58 37.33
C CYS B 52 0.89 17.38 36.05
N TRP B 53 0.10 18.42 35.78
CA TRP B 53 0.29 19.27 34.56
C TRP B 53 1.60 20.06 34.67
N LYS B 54 1.96 20.57 35.87
CA LYS B 54 3.27 21.28 36.04
C LYS B 54 4.45 20.34 35.77
N GLN B 55 4.38 19.06 36.16
CA GLN B 55 5.44 18.06 35.92
C GLN B 55 5.43 17.59 34.46
N GLY B 56 4.52 18.07 33.61
CA GLY B 56 4.52 17.70 32.18
C GLY B 56 3.84 16.37 31.87
N GLN B 57 2.96 15.90 32.73
CA GLN B 57 2.22 14.62 32.54
C GLN B 57 0.90 14.87 31.80
N PRO B 58 0.48 13.92 30.94
CA PRO B 58 -0.90 13.89 30.49
C PRO B 58 -1.79 13.55 31.69
N VAL B 59 -3.08 13.82 31.56
CA VAL B 59 -4.17 13.58 32.52
C VAL B 59 -5.37 13.05 31.74
N LEU B 60 -6.15 12.12 32.31
CA LEU B 60 -7.43 11.64 31.72
C LEU B 60 -8.63 12.04 32.59
N VAL B 61 -9.71 12.47 31.97
CA VAL B 61 -10.99 12.78 32.65
C VAL B 61 -12.06 11.91 31.99
N SER B 62 -12.73 11.05 32.75
CA SER B 62 -13.72 10.08 32.20
C SER B 62 -15.13 10.64 32.34
N GLY B 63 -16.11 10.06 31.62
CA GLY B 63 -17.54 10.34 31.81
C GLY B 63 -18.10 11.48 30.95
N VAL B 64 -17.35 12.06 29.99
CA VAL B 64 -17.82 13.25 29.20
C VAL B 64 -19.03 12.86 28.32
N HIS B 65 -19.13 11.60 27.90
CA HIS B 65 -20.20 11.07 27.00
C HIS B 65 -21.56 11.21 27.67
N LYS B 66 -21.58 11.05 29.00
CA LYS B 66 -22.79 11.17 29.84
C LYS B 66 -23.30 12.61 29.82
N LYS B 67 -22.47 13.61 29.53
CA LYS B 67 -22.85 15.05 29.50
C LYS B 67 -23.34 15.49 28.11
N LEU B 68 -23.10 14.70 27.06
CA LEU B 68 -23.40 15.07 25.66
C LEU B 68 -24.81 14.55 25.28
N LYS B 69 -25.38 15.10 24.22
CA LYS B 69 -26.54 14.55 23.47
C LYS B 69 -26.09 13.44 22.51
N SER B 70 -26.24 12.18 22.89
CA SER B 70 -25.64 11.02 22.17
C SER B 70 -26.13 10.93 20.70
N GLU B 71 -27.34 11.41 20.39
CA GLU B 71 -27.93 11.33 19.01
C GLU B 71 -27.20 12.28 18.05
N LEU B 72 -26.52 13.32 18.54
CA LEU B 72 -25.70 14.24 17.73
C LEU B 72 -24.39 13.56 17.29
N TRP B 73 -23.93 12.47 17.93
CA TRP B 73 -22.56 11.96 17.69
C TRP B 73 -22.58 10.55 17.07
N LYS B 74 -23.57 10.22 16.24
CA LYS B 74 -23.73 8.86 15.66
C LYS B 74 -23.30 8.88 14.19
N PRO B 75 -22.57 7.85 13.71
CA PRO B 75 -22.17 7.80 12.30
C PRO B 75 -23.32 7.97 11.30
N GLU B 76 -24.49 7.36 11.58
CA GLU B 76 -25.70 7.45 10.71
C GLU B 76 -26.18 8.90 10.58
N ALA B 77 -26.07 9.73 11.62
CA ALA B 77 -26.53 11.14 11.55
C ALA B 77 -25.57 11.97 10.69
N PHE B 78 -24.26 11.77 10.77
CA PHE B 78 -23.29 12.53 9.95
C PHE B 78 -23.56 12.21 8.46
N SER B 79 -23.87 10.96 8.18
CA SER B 79 -24.11 10.43 6.81
C SER B 79 -25.40 11.01 6.24
N GLN B 80 -26.49 11.01 6.99
CA GLN B 80 -27.79 11.56 6.51
C GLN B 80 -27.69 13.07 6.38
N GLU B 81 -26.99 13.73 7.29
CA GLU B 81 -26.92 15.21 7.28
C GLU B 81 -25.96 15.71 6.23
N PHE B 82 -24.81 15.05 5.97
CA PHE B 82 -23.68 15.69 5.25
C PHE B 82 -23.12 14.78 4.13
N GLY B 83 -23.83 13.72 3.81
CA GLY B 83 -23.34 12.54 3.05
C GLY B 83 -23.03 12.84 1.58
N ASP B 84 -23.56 13.95 1.01
CA ASP B 84 -23.35 14.25 -0.45
C ASP B 84 -22.19 15.22 -0.63
N GLN B 85 -21.46 15.58 0.44
CA GLN B 85 -20.26 16.42 0.32
C GLN B 85 -19.12 15.60 -0.32
N ASP B 86 -18.23 16.26 -1.02
CA ASP B 86 -17.02 15.62 -1.60
C ASP B 86 -15.88 15.77 -0.61
N VAL B 87 -15.04 14.73 -0.50
CA VAL B 87 -13.98 14.71 0.53
C VAL B 87 -12.82 13.80 0.08
N ASP B 88 -11.65 13.98 0.67
CA ASP B 88 -10.51 13.03 0.50
C ASP B 88 -10.41 12.11 1.71
N LEU B 89 -10.02 10.86 1.46
CA LEU B 89 -9.72 9.84 2.50
C LEU B 89 -8.23 9.49 2.44
N VAL B 90 -7.68 8.93 3.55
CA VAL B 90 -6.30 8.40 3.61
C VAL B 90 -6.38 6.91 3.98
N ASN B 91 -5.66 6.09 3.22
CA ASN B 91 -5.44 4.65 3.50
C ASN B 91 -4.35 4.57 4.58
N CYS B 92 -4.72 4.21 5.81
CA CYS B 92 -3.81 4.17 6.99
C CYS B 92 -2.66 3.19 6.76
N ARG B 93 -2.84 2.13 5.96
CA ARG B 93 -1.79 1.09 5.76
C ARG B 93 -0.64 1.61 4.88
N ASN B 94 -0.90 2.45 3.86
CA ASN B 94 0.14 2.87 2.89
C ASN B 94 0.20 4.39 2.72
N CYS B 95 -0.59 5.18 3.46
CA CYS B 95 -0.65 6.67 3.40
C CYS B 95 -1.17 7.20 2.06
N ALA B 96 -1.71 6.37 1.16
CA ALA B 96 -2.25 6.86 -0.14
C ALA B 96 -3.51 7.70 0.09
N ILE B 97 -3.69 8.78 -0.70
CA ILE B 97 -4.91 9.63 -0.69
C ILE B 97 -5.93 9.07 -1.69
N ILE B 98 -7.15 8.80 -1.25
CA ILE B 98 -8.29 8.48 -2.14
C ILE B 98 -9.09 9.79 -2.34
N SER B 99 -8.90 10.48 -3.48
CA SER B 99 -9.39 11.87 -3.65
C SER B 99 -10.82 11.90 -4.19
N ASP B 100 -11.59 12.85 -3.66
CA ASP B 100 -12.87 13.30 -4.25
C ASP B 100 -13.91 12.17 -4.25
N VAL B 101 -14.13 11.50 -3.12
CA VAL B 101 -15.28 10.59 -2.96
C VAL B 101 -16.36 11.26 -2.10
N LYS B 102 -17.47 10.55 -1.86
CA LYS B 102 -18.60 11.08 -1.04
C LYS B 102 -18.39 10.72 0.43
N VAL B 103 -18.65 11.70 1.31
CA VAL B 103 -18.64 11.58 2.80
C VAL B 103 -19.46 10.34 3.18
N ARG B 104 -20.58 10.05 2.50
CA ARG B 104 -21.42 8.86 2.84
C ARG B 104 -20.66 7.55 2.59
N ASP B 105 -19.70 7.51 1.65
CA ASP B 105 -18.95 6.25 1.39
C ASP B 105 -17.95 5.99 2.54
N PHE B 106 -17.50 6.99 3.28
CA PHE B 106 -16.73 6.77 4.55
C PHE B 106 -17.69 6.27 5.63
N TRP B 107 -18.76 7.01 5.92
CA TRP B 107 -19.63 6.73 7.09
C TRP B 107 -20.36 5.39 6.90
N ASP B 108 -20.72 4.97 5.68
CA ASP B 108 -21.60 3.77 5.56
C ASP B 108 -20.79 2.49 5.79
N GLY B 109 -19.45 2.56 5.70
CA GLY B 109 -18.49 1.50 6.07
C GLY B 109 -17.94 1.59 7.50
N PHE B 110 -18.38 2.56 8.30
CA PHE B 110 -17.78 2.81 9.65
C PHE B 110 -17.81 1.53 10.51
N GLU B 111 -18.93 0.80 10.50
CA GLU B 111 -19.10 -0.42 11.33
C GLU B 111 -19.48 -1.65 10.50
N ILE B 112 -19.81 -1.51 9.21
CA ILE B 112 -20.09 -2.65 8.26
C ILE B 112 -18.89 -2.82 7.31
N ILE B 113 -18.05 -3.82 7.54
CA ILE B 113 -16.74 -3.97 6.85
C ILE B 113 -16.93 -4.28 5.34
N CYS B 114 -17.97 -5.03 4.99
CA CYS B 114 -18.22 -5.45 3.58
C CYS B 114 -18.63 -4.22 2.74
N LYS B 115 -19.04 -3.11 3.37
CA LYS B 115 -19.43 -1.86 2.68
C LYS B 115 -18.22 -0.94 2.41
N ARG B 116 -17.02 -1.30 2.85
CA ARG B 116 -15.86 -0.39 2.72
C ARG B 116 -15.28 -0.36 1.30
N LEU B 117 -14.72 0.80 0.88
CA LEU B 117 -13.84 0.88 -0.31
C LEU B 117 -12.68 -0.10 -0.14
N ARG B 118 -12.28 -0.79 -1.22
CA ARG B 118 -11.20 -1.82 -1.25
C ARG B 118 -9.92 -1.34 -1.92
N SER B 119 -8.80 -1.97 -1.55
CA SER B 119 -7.46 -1.79 -2.16
C SER B 119 -7.35 -2.78 -3.36
N GLU B 120 -6.26 -2.68 -4.09
CA GLU B 120 -5.85 -3.48 -5.29
C GLU B 120 -5.97 -4.98 -4.94
N ASP B 121 -5.73 -5.34 -3.69
CA ASP B 121 -5.68 -6.76 -3.24
C ASP B 121 -7.08 -7.28 -2.97
N GLY B 122 -8.13 -6.48 -3.22
CA GLY B 122 -9.50 -6.87 -2.89
C GLY B 122 -9.87 -6.78 -1.42
N GLN B 123 -8.96 -6.32 -0.54
CA GLN B 123 -9.23 -6.23 0.92
C GLN B 123 -9.92 -4.90 1.24
N PRO B 124 -10.86 -4.89 2.21
CA PRO B 124 -11.43 -3.66 2.74
C PRO B 124 -10.33 -2.77 3.33
N MET B 125 -10.36 -1.48 3.03
CA MET B 125 -9.31 -0.53 3.51
C MET B 125 -9.64 -0.05 4.95
N VAL B 126 -8.58 0.25 5.67
CA VAL B 126 -8.66 1.00 6.96
C VAL B 126 -8.46 2.46 6.58
N LEU B 127 -9.52 3.26 6.68
CA LEU B 127 -9.53 4.64 6.16
C LEU B 127 -9.67 5.69 7.29
N LYS B 128 -9.09 6.87 7.10
CA LYS B 128 -9.38 8.07 7.90
C LYS B 128 -9.91 9.20 7.01
N LEU B 129 -10.88 9.92 7.52
CA LEU B 129 -11.47 11.07 6.81
C LEU B 129 -10.48 12.22 6.97
N LYS B 130 -10.05 12.83 5.87
CA LYS B 130 -9.04 13.91 5.91
C LYS B 130 -9.73 15.29 5.98
N ASP B 131 -9.31 16.11 6.96
CA ASP B 131 -9.64 17.57 7.02
C ASP B 131 -11.16 17.78 6.91
N TRP B 132 -11.94 17.16 7.78
CA TRP B 132 -13.41 17.29 7.74
C TRP B 132 -13.98 17.47 9.15
N PRO B 133 -14.88 18.46 9.38
CA PRO B 133 -15.13 19.57 8.47
C PRO B 133 -13.84 20.29 8.15
N PRO B 134 -13.74 20.88 6.94
CA PRO B 134 -12.49 21.48 6.45
C PRO B 134 -12.12 22.78 7.16
N GLY B 135 -10.81 22.94 7.39
CA GLY B 135 -10.22 24.16 7.98
C GLY B 135 -10.92 24.45 9.30
N GLU B 136 -11.54 25.63 9.42
CA GLU B 136 -12.21 26.13 10.64
C GLU B 136 -13.74 26.13 10.41
N ASP B 137 -14.25 25.28 9.53
CA ASP B 137 -15.70 25.26 9.21
C ASP B 137 -16.56 24.56 10.28
N PHE B 138 -15.95 23.93 11.30
CA PHE B 138 -16.68 23.10 12.29
C PHE B 138 -17.84 23.90 12.89
N ARG B 139 -17.58 25.12 13.37
CA ARG B 139 -18.66 25.94 14.00
C ARG B 139 -19.77 26.25 12.99
N ASP B 140 -19.44 26.68 11.76
CA ASP B 140 -20.45 27.07 10.74
C ASP B 140 -21.20 25.85 10.24
N MET B 141 -20.52 24.73 9.95
CA MET B 141 -21.18 23.53 9.38
C MET B 141 -22.02 22.80 10.43
N MET B 142 -21.57 22.79 11.69
CA MET B 142 -22.16 21.92 12.74
C MET B 142 -22.39 22.73 14.02
N PRO B 143 -23.23 23.79 14.02
CA PRO B 143 -23.37 24.67 15.19
C PRO B 143 -23.91 23.98 16.46
N THR B 144 -24.84 23.02 16.33
CA THR B 144 -25.45 22.33 17.48
C THR B 144 -24.39 21.40 18.12
N ARG B 145 -23.56 20.73 17.29
CA ARG B 145 -22.42 19.90 17.80
C ARG B 145 -21.37 20.79 18.47
N PHE B 146 -21.04 21.94 17.90
CA PHE B 146 -20.12 22.91 18.53
C PHE B 146 -20.60 23.23 19.96
N GLU B 147 -21.87 23.60 20.09
CA GLU B 147 -22.42 24.04 21.41
C GLU B 147 -22.38 22.86 22.40
N ASP B 148 -22.83 21.69 21.97
CA ASP B 148 -22.86 20.46 22.82
C ASP B 148 -21.44 20.17 23.35
N LEU B 149 -20.42 20.20 22.49
CA LEU B 149 -19.02 19.91 22.94
C LEU B 149 -18.46 21.02 23.86
N MET B 150 -18.51 22.29 23.44
CA MET B 150 -17.83 23.39 24.17
C MET B 150 -18.47 23.57 25.55
N GLU B 151 -19.79 23.40 25.67
CA GLU B 151 -20.48 23.60 26.95
C GLU B 151 -20.05 22.51 27.93
N ASN B 152 -19.55 21.36 27.47
CA ASN B 152 -19.35 20.18 28.36
C ASN B 152 -17.87 19.75 28.43
N LEU B 153 -16.95 20.56 27.94
CA LEU B 153 -15.49 20.28 28.05
C LEU B 153 -15.08 20.30 29.53
N PRO B 154 -14.34 19.29 30.00
CA PRO B 154 -13.82 19.32 31.37
C PRO B 154 -12.71 20.37 31.53
N LEU B 155 -12.36 20.65 32.78
CA LEU B 155 -11.42 21.73 33.20
C LEU B 155 -11.69 23.01 32.38
N PRO B 156 -12.94 23.51 32.41
CA PRO B 156 -13.32 24.62 31.54
C PRO B 156 -12.57 25.95 31.76
N GLU B 157 -12.03 26.22 32.96
CA GLU B 157 -11.21 27.45 33.21
C GLU B 157 -9.97 27.38 32.33
N TYR B 158 -9.53 26.17 31.94
CA TYR B 158 -8.35 25.91 31.10
C TYR B 158 -8.74 25.81 29.60
N THR B 159 -9.88 25.18 29.29
CA THR B 159 -10.17 24.68 27.92
C THR B 159 -11.13 25.58 27.13
N LYS B 160 -12.03 26.34 27.76
CA LYS B 160 -12.97 27.25 27.04
C LYS B 160 -12.27 28.55 26.63
N ARG B 161 -12.70 29.19 25.53
N ARG B 161 -12.73 29.19 25.55
CA ARG B 161 -12.07 30.43 25.00
CA ARG B 161 -12.11 30.42 24.98
C ARG B 161 -12.01 31.51 26.08
C ARG B 161 -12.05 31.53 26.03
N ASP B 162 -13.10 31.71 26.83
CA ASP B 162 -13.17 32.76 27.87
C ASP B 162 -12.83 32.18 29.24
N GLY B 163 -12.17 30.99 29.31
CA GLY B 163 -11.71 30.42 30.60
C GLY B 163 -10.75 31.38 31.30
N ARG B 164 -10.84 31.46 32.63
CA ARG B 164 -9.97 32.31 33.48
C ARG B 164 -8.49 32.03 33.19
N LEU B 165 -8.12 30.75 33.02
CA LEU B 165 -6.70 30.35 32.87
C LEU B 165 -6.35 29.94 31.42
N ASN B 166 -7.21 30.15 30.43
CA ASN B 166 -6.84 29.96 29.00
C ASN B 166 -6.27 31.29 28.46
N LEU B 167 -5.01 31.29 28.06
CA LEU B 167 -4.30 32.50 27.57
C LEU B 167 -4.41 32.68 26.04
N ALA B 168 -5.00 31.73 25.33
CA ALA B 168 -4.95 31.68 23.84
C ALA B 168 -5.52 32.97 23.23
N SER B 169 -6.64 33.52 23.72
CA SER B 169 -7.25 34.72 23.07
C SER B 169 -6.50 36.01 23.41
N ARG B 170 -5.64 36.02 24.42
CA ARG B 170 -4.95 37.25 24.89
C ARG B 170 -3.52 37.37 24.34
N LEU B 171 -2.84 36.27 24.00
CA LEU B 171 -1.40 36.29 23.64
C LEU B 171 -1.19 36.60 22.16
N PRO B 172 -0.07 37.31 21.86
CA PRO B 172 0.37 37.52 20.48
C PRO B 172 0.73 36.23 19.72
N SER B 173 0.81 36.37 18.39
CA SER B 173 1.00 35.23 17.47
C SER B 173 2.34 34.52 17.68
N TYR B 174 3.33 35.13 18.33
CA TYR B 174 4.62 34.44 18.66
C TYR B 174 4.45 33.41 19.80
N PHE B 175 3.25 33.29 20.39
CA PHE B 175 2.92 32.24 21.41
C PHE B 175 1.92 31.22 20.84
N VAL B 176 1.02 31.64 19.97
CA VAL B 176 -0.20 30.83 19.63
C VAL B 176 -0.86 31.32 18.33
N ARG B 177 -1.36 30.38 17.53
CA ARG B 177 -2.11 30.71 16.29
C ARG B 177 -3.42 31.39 16.71
N PRO B 178 -3.96 32.37 15.96
CA PRO B 178 -5.22 33.01 16.35
C PRO B 178 -6.49 32.18 16.10
N ASP B 179 -7.55 32.52 16.84
CA ASP B 179 -8.93 32.00 16.64
C ASP B 179 -8.95 30.47 16.65
N LEU B 180 -8.56 29.82 17.78
CA LEU B 180 -8.54 28.33 17.89
C LEU B 180 -10.00 27.85 17.86
N GLY B 181 -10.29 26.73 17.19
CA GLY B 181 -11.63 26.07 17.19
C GLY B 181 -11.43 24.56 17.15
N PRO B 182 -12.48 23.78 17.46
CA PRO B 182 -12.38 22.32 17.56
C PRO B 182 -12.15 21.67 16.19
N LYS B 183 -11.49 20.51 16.22
CA LYS B 183 -11.19 19.66 15.04
C LYS B 183 -11.72 18.27 15.33
N MET B 184 -12.27 17.64 14.32
CA MET B 184 -12.89 16.27 14.41
C MET B 184 -11.92 15.28 13.79
N TYR B 185 -11.67 14.12 14.39
CA TYR B 185 -10.76 13.05 13.92
C TYR B 185 -11.57 11.74 13.79
N ASN B 186 -11.78 11.27 12.55
CA ASN B 186 -12.72 10.19 12.20
C ASN B 186 -11.94 9.11 11.42
N ALA B 187 -11.82 7.91 11.95
CA ALA B 187 -11.04 6.85 11.27
C ALA B 187 -11.54 5.47 11.70
N TYR B 188 -11.39 4.49 10.81
CA TYR B 188 -11.77 3.09 11.10
C TYR B 188 -10.74 2.50 12.10
N GLY B 189 -11.09 1.36 12.67
CA GLY B 189 -10.19 0.56 13.55
C GLY B 189 -9.16 -0.21 12.75
N LEU B 190 -7.92 -0.32 13.22
CA LEU B 190 -6.91 -1.28 12.68
C LEU B 190 -7.28 -2.72 13.09
N ILE B 191 -6.96 -3.74 12.25
CA ILE B 191 -7.65 -5.07 12.25
C ILE B 191 -6.65 -6.24 12.36
N THR B 192 -5.61 -6.26 11.52
CA THR B 192 -4.75 -7.46 11.31
C THR B 192 -3.54 -7.45 12.26
N ALA B 193 -2.84 -8.58 12.32
CA ALA B 193 -1.53 -8.69 13.00
C ALA B 193 -0.53 -7.72 12.37
N GLU B 194 -0.50 -7.57 11.04
CA GLU B 194 0.46 -6.65 10.38
C GLU B 194 0.07 -5.20 10.75
N ASP B 195 -1.22 -4.94 11.02
CA ASP B 195 -1.75 -3.59 11.38
C ASP B 195 -1.27 -3.18 12.78
N ARG B 196 -0.82 -4.12 13.61
CA ARG B 196 -0.34 -3.77 14.98
C ARG B 196 0.79 -2.75 14.93
N ARG B 197 1.58 -2.70 13.85
CA ARG B 197 2.76 -1.82 13.69
C ARG B 197 2.39 -0.52 12.96
N VAL B 198 1.09 -0.27 12.71
CA VAL B 198 0.60 0.90 11.91
C VAL B 198 -0.06 1.87 12.91
N GLY B 199 0.12 3.17 12.69
CA GLY B 199 -0.58 4.24 13.44
C GLY B 199 -1.81 4.72 12.69
N THR B 200 -2.86 5.08 13.41
CA THR B 200 -3.95 5.95 12.91
C THR B 200 -3.35 7.37 12.71
N THR B 201 -2.69 7.88 13.74
CA THR B 201 -1.93 9.16 13.69
C THR B 201 -0.49 8.89 14.08
N ASN B 202 0.47 9.16 13.19
CA ASN B 202 1.90 8.86 13.44
C ASN B 202 2.46 9.77 14.54
N LEU B 203 3.58 9.37 15.13
CA LEU B 203 4.30 10.15 16.17
C LEU B 203 4.53 11.60 15.69
N HIS B 204 4.09 12.57 16.49
CA HIS B 204 4.22 14.00 16.17
C HIS B 204 4.16 14.81 17.49
N LEU B 205 4.36 16.13 17.42
CA LEU B 205 4.04 16.99 18.60
C LEU B 205 3.19 18.18 18.11
N ASP B 206 2.49 18.83 19.05
CA ASP B 206 1.65 20.04 18.78
C ASP B 206 2.25 21.22 19.55
N VAL B 207 2.15 22.42 18.99
CA VAL B 207 2.82 23.65 19.54
C VAL B 207 1.96 24.27 20.64
N SER B 208 0.74 23.78 20.86
CA SER B 208 -0.14 24.28 21.96
C SER B 208 -0.53 23.11 22.87
N ASP B 209 -1.09 23.41 24.04
CA ASP B 209 -1.81 22.38 24.84
C ASP B 209 -3.07 21.91 24.09
N ALA B 210 -3.58 20.69 24.35
CA ALA B 210 -4.83 20.19 23.72
C ALA B 210 -5.56 19.25 24.65
N VAL B 211 -6.87 19.16 24.46
CA VAL B 211 -7.75 18.12 25.05
C VAL B 211 -8.42 17.36 23.90
N ASN B 212 -8.42 16.03 23.96
CA ASN B 212 -9.00 15.14 22.90
C ASN B 212 -10.12 14.29 23.55
N VAL B 213 -11.37 14.46 23.12
CA VAL B 213 -12.55 13.71 23.67
C VAL B 213 -13.01 12.59 22.72
N MET B 214 -13.12 11.37 23.22
CA MET B 214 -13.72 10.24 22.45
C MET B 214 -15.25 10.36 22.53
N VAL B 215 -15.94 10.73 21.44
CA VAL B 215 -17.43 10.93 21.49
C VAL B 215 -18.22 9.73 20.95
N TYR B 216 -17.60 8.80 20.23
CA TYR B 216 -18.31 7.60 19.69
C TYR B 216 -17.29 6.50 19.39
N VAL B 217 -17.63 5.25 19.73
CA VAL B 217 -16.80 4.06 19.41
C VAL B 217 -17.71 3.03 18.72
N GLY B 218 -17.32 2.64 17.49
CA GLY B 218 -18.11 1.73 16.64
C GLY B 218 -17.45 0.37 16.56
N ILE B 219 -18.11 -0.62 17.12
CA ILE B 219 -17.59 -2.02 17.14
C ILE B 219 -18.36 -2.82 16.08
N PRO B 220 -17.72 -3.20 14.94
CA PRO B 220 -18.36 -4.09 13.96
C PRO B 220 -18.64 -5.49 14.52
N ILE B 221 -19.67 -6.20 14.04
CA ILE B 221 -19.88 -7.67 14.30
C ILE B 221 -19.57 -8.48 13.04
N ALA B 225 -17.11 -10.71 16.85
CA ALA B 225 -16.18 -10.32 17.95
C ALA B 225 -14.75 -10.78 17.61
N HIS B 226 -14.03 -9.98 16.82
CA HIS B 226 -12.58 -10.17 16.51
C HIS B 226 -11.78 -9.42 17.58
N ASP B 227 -12.22 -9.51 18.84
CA ASP B 227 -11.57 -8.98 20.07
C ASP B 227 -10.21 -9.64 20.29
N GLU B 228 -9.86 -10.62 19.45
CA GLU B 228 -8.66 -11.49 19.62
C GLU B 228 -7.41 -10.63 19.41
N GLU B 229 -7.28 -10.04 18.22
CA GLU B 229 -6.13 -9.19 17.83
C GLU B 229 -6.11 -7.93 18.74
N VAL B 230 -7.29 -7.45 19.14
CA VAL B 230 -7.43 -6.23 19.98
C VAL B 230 -6.83 -6.53 21.37
N LEU B 231 -7.17 -7.65 22.01
CA LEU B 231 -6.61 -7.99 23.37
C LEU B 231 -5.08 -8.17 23.29
N LYS B 232 -4.55 -8.73 22.20
CA LYS B 232 -3.08 -8.87 22.07
C LYS B 232 -2.45 -7.50 21.77
N THR B 233 -3.15 -6.61 21.06
CA THR B 233 -2.59 -5.28 20.71
C THR B 233 -2.43 -4.44 22.00
N ILE B 234 -3.41 -4.56 22.90
CA ILE B 234 -3.44 -3.88 24.24
C ILE B 234 -2.25 -4.36 25.07
N ASP B 235 -2.00 -5.67 25.02
CA ASP B 235 -0.98 -6.31 25.89
C ASP B 235 0.45 -5.90 25.44
N GLU B 236 0.78 -6.21 24.21
CA GLU B 236 2.04 -5.83 23.50
C GLU B 236 2.23 -4.30 23.58
N GLY B 237 1.11 -3.57 23.55
CA GLY B 237 1.04 -2.10 23.68
C GLY B 237 1.52 -1.61 25.04
N ASP B 238 1.56 -2.49 26.07
CA ASP B 238 2.12 -2.22 27.42
C ASP B 238 1.09 -1.50 28.29
N ALA B 239 -0.22 -1.66 28.03
CA ALA B 239 -1.29 -1.24 28.96
C ALA B 239 -1.10 -1.90 30.33
N ASP B 240 -1.59 -1.27 31.40
CA ASP B 240 -1.43 -1.75 32.80
C ASP B 240 -2.49 -2.80 33.12
N GLU B 241 -2.34 -3.53 34.23
CA GLU B 241 -3.16 -4.76 34.48
C GLU B 241 -4.62 -4.35 34.72
N VAL B 242 -4.86 -3.24 35.41
CA VAL B 242 -6.23 -2.74 35.70
C VAL B 242 -6.99 -2.52 34.38
N THR B 243 -6.31 -1.92 33.41
CA THR B 243 -6.85 -1.59 32.06
C THR B 243 -7.19 -2.91 31.32
N LYS B 244 -6.24 -3.84 31.26
CA LYS B 244 -6.41 -5.15 30.57
C LYS B 244 -7.59 -5.93 31.15
N GLU B 245 -7.64 -6.09 32.47
CA GLU B 245 -8.70 -6.91 33.10
C GLU B 245 -10.00 -6.15 32.84
N ARG B 246 -9.92 -4.82 32.84
CA ARG B 246 -11.10 -3.93 32.71
C ARG B 246 -11.83 -4.15 31.38
N ILE B 247 -11.15 -4.56 30.32
CA ILE B 247 -11.84 -4.75 29.00
C ILE B 247 -12.59 -6.11 29.00
N HIS B 248 -12.89 -6.66 30.19
CA HIS B 248 -13.93 -7.70 30.43
C HIS B 248 -14.32 -7.78 31.93
N ASP B 249 -14.42 -6.63 32.63
CA ASP B 249 -14.77 -6.49 34.07
C ASP B 249 -16.06 -5.65 34.18
N HIS B 250 -16.12 -4.56 33.42
CA HIS B 250 -17.35 -3.93 32.85
C HIS B 250 -17.53 -4.52 31.44
N LYS B 251 -18.34 -3.86 30.59
CA LYS B 251 -18.24 -3.96 29.11
C LYS B 251 -18.14 -2.54 28.53
N GLU B 252 -17.08 -1.80 28.88
CA GLU B 252 -16.83 -0.47 28.29
C GLU B 252 -16.39 -0.71 26.84
N LYS B 253 -16.40 0.35 26.06
CA LYS B 253 -15.99 0.39 24.65
C LYS B 253 -14.62 1.04 24.57
N PRO B 254 -13.52 0.25 24.48
CA PRO B 254 -12.19 0.81 24.23
C PRO B 254 -12.04 1.30 22.77
N GLY B 255 -11.62 2.57 22.58
CA GLY B 255 -11.53 3.18 21.25
C GLY B 255 -10.12 3.19 20.68
N ALA B 256 -9.14 3.72 21.41
CA ALA B 256 -7.79 3.94 20.84
C ALA B 256 -6.70 3.68 21.87
N LEU B 257 -5.55 3.21 21.38
CA LEU B 257 -4.31 3.07 22.16
C LEU B 257 -3.37 4.23 21.81
N TRP B 258 -3.02 5.03 22.81
CA TRP B 258 -2.05 6.15 22.70
C TRP B 258 -0.72 5.74 23.32
N HIS B 259 0.38 6.23 22.78
CA HIS B 259 1.66 6.38 23.53
C HIS B 259 2.03 7.87 23.55
N ILE B 260 2.25 8.40 24.74
CA ILE B 260 2.61 9.82 24.98
C ILE B 260 3.94 9.87 25.71
N TYR B 261 4.82 10.75 25.28
CA TYR B 261 6.16 11.01 25.87
C TYR B 261 6.22 12.44 26.42
N ALA B 262 6.99 12.63 27.50
CA ALA B 262 7.30 13.98 28.05
C ALA B 262 7.97 14.91 27.01
N ALA B 263 7.57 16.19 26.97
CA ALA B 263 8.20 17.25 26.16
C ALA B 263 9.74 17.22 26.32
N LYS B 264 10.26 16.99 27.53
CA LYS B 264 11.74 16.99 27.78
C LYS B 264 12.45 15.80 27.11
N ASP B 265 11.74 14.75 26.69
CA ASP B 265 12.35 13.55 26.05
C ASP B 265 12.30 13.62 24.52
N ALA B 266 11.81 14.70 23.90
CA ALA B 266 11.65 14.76 22.42
C ALA B 266 13.00 14.55 21.72
N GLU B 267 14.08 15.14 22.23
CA GLU B 267 15.37 15.18 21.49
C GLU B 267 16.01 13.79 21.55
N LYS B 268 15.86 13.07 22.66
CA LYS B 268 16.30 11.65 22.77
C LYS B 268 15.54 10.81 21.76
N ILE B 269 14.22 11.06 21.56
CA ILE B 269 13.42 10.30 20.56
C ILE B 269 13.97 10.64 19.17
N ARG B 270 14.35 11.90 18.91
CA ARG B 270 14.90 12.29 17.59
C ARG B 270 16.23 11.53 17.34
N GLU B 271 17.10 11.47 18.33
CA GLU B 271 18.41 10.75 18.23
C GLU B 271 18.12 9.31 17.78
N LEU B 272 17.21 8.59 18.46
CA LEU B 272 16.90 7.18 18.15
C LEU B 272 16.44 7.06 16.69
N LEU B 273 15.51 7.89 16.24
CA LEU B 273 14.90 7.73 14.88
C LEU B 273 15.83 8.23 13.78
N ARG B 274 16.78 9.13 14.06
CA ARG B 274 17.89 9.44 13.12
C ARG B 274 18.74 8.18 12.88
N LYS B 275 19.16 7.51 13.94
CA LYS B 275 19.95 6.25 13.89
C LYS B 275 19.18 5.21 13.06
N VAL B 276 17.98 4.84 13.50
CA VAL B 276 17.16 3.75 12.88
C VAL B 276 16.93 4.03 11.39
N GLY B 277 16.66 5.30 11.02
CA GLY B 277 16.46 5.71 9.62
C GLY B 277 17.73 5.53 8.80
N GLU B 278 18.90 5.76 9.41
CA GLU B 278 20.24 5.55 8.80
C GLU B 278 20.42 4.04 8.56
N GLU B 279 20.13 3.23 9.58
CA GLU B 279 20.14 1.75 9.54
C GLU B 279 19.22 1.23 8.41
N GLN B 280 18.12 1.92 8.12
CA GLN B 280 17.08 1.42 7.18
C GLN B 280 17.31 1.97 5.76
N GLY B 281 18.38 2.72 5.49
CA GLY B 281 18.68 3.23 4.15
C GLY B 281 18.69 4.73 4.08
N GLN B 282 17.64 5.39 4.59
CA GLN B 282 17.39 6.86 4.46
C GLN B 282 18.71 7.64 4.52
N GLU B 283 18.84 8.65 3.64
CA GLU B 283 19.95 9.65 3.66
C GLU B 283 19.36 10.99 4.09
N ASN B 284 19.46 11.32 5.38
CA ASN B 284 18.92 12.56 6.00
C ASN B 284 20.11 13.35 6.54
N PRO B 285 20.09 14.71 6.55
CA PRO B 285 21.12 15.49 7.24
C PRO B 285 21.12 15.25 8.75
N PRO B 286 22.21 15.61 9.49
CA PRO B 286 22.25 15.37 10.94
C PRO B 286 21.24 16.25 11.71
N ASP B 287 20.76 17.31 11.03
CA ASP B 287 19.77 18.33 11.50
C ASP B 287 18.35 17.75 11.49
N HIS B 288 18.12 16.75 10.64
CA HIS B 288 16.77 16.21 10.29
C HIS B 288 15.92 15.95 11.54
N ASP B 289 14.61 16.27 11.45
CA ASP B 289 13.66 16.15 12.59
C ASP B 289 12.60 15.09 12.26
N PRO B 290 12.79 13.84 12.73
CA PRO B 290 11.83 12.79 12.46
C PRO B 290 10.45 12.94 13.13
N ILE B 291 10.35 13.74 14.20
CA ILE B 291 9.06 14.07 14.87
C ILE B 291 8.31 15.04 13.95
N HIS B 292 8.98 16.08 13.45
CA HIS B 292 8.39 17.04 12.46
C HIS B 292 7.92 16.29 11.21
N ASP B 293 8.62 15.23 10.79
CA ASP B 293 8.29 14.46 9.57
C ASP B 293 6.97 13.71 9.68
N GLN B 294 6.52 13.37 10.91
CA GLN B 294 5.23 12.66 11.12
C GLN B 294 5.22 11.35 10.31
N SER B 295 6.39 10.70 10.13
CA SER B 295 6.55 9.50 9.26
C SER B 295 6.71 8.21 10.06
N TRP B 296 6.83 8.26 11.41
CA TRP B 296 7.14 7.08 12.26
C TRP B 296 5.95 6.64 13.13
N TYR B 297 5.81 5.33 13.35
CA TYR B 297 4.98 4.78 14.44
C TYR B 297 5.86 3.87 15.31
N LEU B 298 5.99 4.17 16.60
CA LEU B 298 6.88 3.36 17.49
C LEU B 298 6.16 2.04 17.83
N ASP B 299 6.57 0.94 17.16
CA ASP B 299 6.05 -0.43 17.36
C ASP B 299 6.71 -0.99 18.62
N GLN B 300 6.45 -2.25 18.97
CA GLN B 300 6.99 -2.80 20.24
C GLN B 300 8.51 -2.79 20.22
N THR B 301 9.14 -3.15 19.10
CA THR B 301 10.62 -3.21 18.98
C THR B 301 11.20 -1.82 19.26
N LEU B 302 10.63 -0.80 18.62
CA LEU B 302 11.17 0.58 18.73
C LEU B 302 10.96 1.11 20.15
N ARG B 303 9.81 0.87 20.79
CA ARG B 303 9.55 1.34 22.18
C ARG B 303 10.55 0.68 23.15
N LYS B 304 10.80 -0.62 23.01
CA LYS B 304 11.72 -1.34 23.95
C LYS B 304 13.11 -0.73 23.83
N ARG B 305 13.58 -0.52 22.62
CA ARG B 305 14.91 0.07 22.28
C ARG B 305 15.01 1.51 22.78
N LEU B 306 13.91 2.29 22.75
CA LEU B 306 13.88 3.67 23.31
C LEU B 306 14.16 3.60 24.81
N TYR B 307 13.48 2.69 25.51
CA TYR B 307 13.67 2.50 26.96
C TYR B 307 15.12 2.07 27.25
N GLU B 308 15.53 0.96 26.64
N GLU B 308 15.56 0.98 26.63
CA GLU B 308 16.85 0.30 26.81
CA GLU B 308 16.87 0.33 26.92
C GLU B 308 17.96 1.32 26.57
C GLU B 308 18.00 1.31 26.58
N GLU B 309 18.04 1.85 25.34
CA GLU B 309 19.17 2.73 24.92
C GLU B 309 19.12 4.11 25.57
N TYR B 310 17.95 4.73 25.82
CA TYR B 310 17.90 6.18 26.17
C TYR B 310 17.25 6.43 27.52
N GLY B 311 16.66 5.40 28.14
CA GLY B 311 16.00 5.54 29.45
C GLY B 311 14.63 6.23 29.36
N VAL B 312 14.01 6.30 28.17
CA VAL B 312 12.70 7.01 27.99
C VAL B 312 11.56 6.01 28.05
N GLN B 313 10.59 6.23 28.93
CA GLN B 313 9.50 5.28 29.24
C GLN B 313 8.20 5.62 28.46
N GLY B 314 7.63 6.81 28.63
CA GLY B 314 6.30 7.14 28.03
C GLY B 314 5.11 6.49 28.72
N TRP B 315 3.89 6.95 28.40
CA TRP B 315 2.61 6.51 28.99
C TRP B 315 1.81 5.76 27.92
N ALA B 316 1.38 4.52 28.16
CA ALA B 316 0.48 3.74 27.27
C ALA B 316 -0.94 3.88 27.80
N ILE B 317 -1.80 4.58 27.06
CA ILE B 317 -3.17 4.94 27.50
C ILE B 317 -4.21 4.34 26.56
N VAL B 318 -5.20 3.62 27.09
CA VAL B 318 -6.44 3.26 26.36
C VAL B 318 -7.52 4.29 26.62
N GLN B 319 -7.96 4.98 25.55
CA GLN B 319 -9.06 5.97 25.62
C GLN B 319 -10.37 5.21 25.31
N PHE B 320 -11.27 5.13 26.29
CA PHE B 320 -12.60 4.54 26.15
C PHE B 320 -13.59 5.61 25.73
N LEU B 321 -14.81 5.22 25.38
CA LEU B 321 -15.91 6.17 25.08
C LEU B 321 -16.05 7.15 26.27
N GLY B 322 -16.02 8.44 25.97
CA GLY B 322 -16.19 9.53 26.95
C GLY B 322 -14.89 9.96 27.64
N ASP B 323 -13.76 9.33 27.37
CA ASP B 323 -12.44 9.70 27.98
C ASP B 323 -11.90 10.95 27.25
N ALA B 324 -11.57 11.99 28.02
CA ALA B 324 -10.82 13.17 27.56
C ALA B 324 -9.36 13.05 27.97
N VAL B 325 -8.45 13.06 26.98
CA VAL B 325 -6.98 13.00 27.18
C VAL B 325 -6.40 14.40 27.03
N PHE B 326 -5.77 14.88 28.09
CA PHE B 326 -5.03 16.19 28.09
C PHE B 326 -3.58 15.95 27.71
N ILE B 327 -3.12 16.65 26.67
CA ILE B 327 -1.75 16.50 26.07
C ILE B 327 -0.97 17.80 26.22
N PRO B 328 0.15 17.83 27.00
CA PRO B 328 0.99 19.02 27.13
C PRO B 328 1.63 19.44 25.79
N ALA B 329 1.66 20.76 25.53
CA ALA B 329 2.42 21.36 24.41
C ALA B 329 3.81 20.68 24.32
N GLY B 330 4.16 20.14 23.16
CA GLY B 330 5.52 19.61 22.90
C GLY B 330 5.69 18.15 23.32
N ALA B 331 4.69 17.51 23.92
CA ALA B 331 4.76 16.08 24.32
C ALA B 331 4.52 15.26 23.05
N PRO B 332 5.54 14.53 22.55
CA PRO B 332 5.32 13.69 21.36
C PRO B 332 4.31 12.58 21.63
N HIS B 333 3.48 12.25 20.65
CA HIS B 333 2.41 11.26 20.84
C HIS B 333 2.01 10.62 19.51
N GLN B 334 1.46 9.41 19.62
CA GLN B 334 0.96 8.59 18.49
C GLN B 334 -0.35 7.94 18.92
N VAL B 335 -1.21 7.61 17.96
CA VAL B 335 -2.57 7.04 18.24
C VAL B 335 -2.77 5.81 17.33
N HIS B 336 -3.35 4.74 17.87
CA HIS B 336 -3.67 3.48 17.13
C HIS B 336 -5.12 3.11 17.41
N ASN B 337 -6.06 3.32 16.45
CA ASN B 337 -7.50 2.99 16.72
C ASN B 337 -7.67 1.46 16.82
N LEU B 338 -8.29 1.01 17.91
CA LEU B 338 -8.65 -0.41 18.15
C LEU B 338 -9.97 -0.74 17.46
N TYR B 339 -10.93 0.19 17.47
CA TYR B 339 -12.24 0.11 16.78
C TYR B 339 -12.42 1.43 16.02
N SER B 340 -13.50 1.58 15.25
CA SER B 340 -13.79 2.85 14.56
C SER B 340 -14.10 3.93 15.63
N CYS B 341 -13.49 5.12 15.53
CA CYS B 341 -13.59 6.21 16.54
C CYS B 341 -14.01 7.55 15.91
N ILE B 342 -14.90 8.29 16.58
CA ILE B 342 -15.08 9.75 16.41
C ILE B 342 -14.46 10.45 17.62
N LYS B 343 -13.44 11.28 17.41
CA LYS B 343 -12.79 12.11 18.47
C LYS B 343 -12.99 13.58 18.12
N VAL B 344 -13.08 14.48 19.12
CA VAL B 344 -13.06 15.94 18.89
C VAL B 344 -12.03 16.54 19.83
N ALA B 345 -11.12 17.37 19.32
CA ALA B 345 -10.01 18.00 20.08
C ALA B 345 -10.11 19.52 20.03
N GLU B 346 -9.71 20.18 21.12
CA GLU B 346 -9.65 21.66 21.24
C GLU B 346 -8.25 22.02 21.74
N ASP B 347 -7.59 22.95 21.07
CA ASP B 347 -6.27 23.49 21.51
C ASP B 347 -6.52 24.63 22.53
N PHE B 348 -5.58 24.82 23.46
CA PHE B 348 -5.61 25.95 24.45
C PHE B 348 -4.18 26.30 24.85
N VAL B 349 -4.03 27.34 25.68
CA VAL B 349 -2.70 27.76 26.20
C VAL B 349 -2.79 27.94 27.72
N SER B 350 -2.21 27.00 28.49
CA SER B 350 -2.14 27.14 29.97
C SER B 350 -0.95 28.01 30.41
N PRO B 351 -1.08 28.73 31.55
CA PRO B 351 0.05 29.50 32.10
C PRO B 351 1.28 28.62 32.39
N GLU B 352 1.04 27.39 32.81
CA GLU B 352 2.08 26.42 33.22
C GLU B 352 3.02 26.14 32.04
N HIS B 353 2.52 26.19 30.79
CA HIS B 353 3.25 25.76 29.58
C HIS B 353 3.52 26.93 28.60
N VAL B 354 3.35 28.20 29.01
CA VAL B 354 3.46 29.35 28.07
C VAL B 354 4.90 29.50 27.53
N LYS B 355 5.90 29.20 28.34
CA LYS B 355 7.31 29.28 27.86
C LYS B 355 7.53 28.28 26.72
N HIS B 356 7.05 27.04 26.91
CA HIS B 356 7.12 25.93 25.91
C HIS B 356 6.43 26.36 24.63
N CYS B 357 5.21 26.93 24.73
CA CYS B 357 4.41 27.41 23.58
C CYS B 357 5.22 28.42 22.74
N PHE B 358 5.93 29.35 23.38
CA PHE B 358 6.80 30.35 22.67
C PHE B 358 7.91 29.61 21.90
N ARG B 359 8.59 28.68 22.56
CA ARG B 359 9.77 27.99 21.97
C ARG B 359 9.33 27.07 20.81
N LEU B 360 8.22 26.36 20.98
CA LEU B 360 7.70 25.42 19.96
C LEU B 360 7.24 26.21 18.73
N THR B 361 6.65 27.40 18.94
CA THR B 361 6.15 28.24 17.84
C THR B 361 7.38 28.72 17.02
N GLN B 362 8.43 29.15 17.72
CA GLN B 362 9.70 29.60 17.10
C GLN B 362 10.25 28.44 16.22
N GLU B 363 10.33 27.24 16.78
CA GLU B 363 10.96 26.07 16.10
C GLU B 363 10.08 25.67 14.91
N PHE B 364 8.74 25.76 15.02
CA PHE B 364 7.82 25.45 13.89
C PHE B 364 8.08 26.41 12.73
N ARG B 365 8.18 27.71 13.00
CA ARG B 365 8.51 28.73 11.96
C ARG B 365 9.87 28.42 11.31
N HIS B 366 10.89 28.07 12.08
CA HIS B 366 12.24 27.71 11.57
C HIS B 366 12.17 26.44 10.68
N LEU B 367 11.44 25.40 11.11
CA LEU B 367 11.25 24.15 10.32
C LEU B 367 10.41 24.42 9.07
N SER B 368 9.62 25.50 9.03
CA SER B 368 8.70 25.84 7.90
C SER B 368 9.49 26.21 6.64
N ASN B 369 10.44 27.14 6.77
CA ASN B 369 11.23 27.72 5.65
C ASN B 369 12.72 27.41 5.85
#